data_4PHX
#
_entry.id   4PHX
#
_cell.length_a   130.797
_cell.length_b   163.968
_cell.length_c   58.627
_cell.angle_alpha   90.000
_cell.angle_beta   90.000
_cell.angle_gamma   90.000
#
_symmetry.space_group_name_H-M   'P 21 21 2'
#
loop_
_entity.id
_entity.type
_entity.pdbx_description
1 polymer 'Protein AggB'
2 water water
#
_entity_poly.entity_id   1
_entity_poly.type   'polypeptide(L)'
_entity_poly.pdbx_seq_one_letter_code
;AEITLISHKTLGSQLRDGMKLATGRIACREPHDGFHIWINASQNGKVGHYIVQNNRETKHELKVKIGGGGWSSSLIEGQR
GVYRQGEEKQAIFDIMSDGNQYSAPGEYIFSVSGECLISRGDNKQALERPPIKATETIRLTV
;
_entity_poly.pdbx_strand_id   B,A,C,D,E,F,G,H
#
# COMPACT_ATOMS: atom_id res chain seq x y z
N ALA A 1 -20.27 -12.91 10.07
CA ALA A 1 -21.18 -14.05 10.00
C ALA A 1 -21.94 -14.15 8.67
N GLU A 2 -21.90 -13.10 7.85
CA GLU A 2 -22.19 -13.29 6.41
C GLU A 2 -21.09 -12.71 5.43
N ILE A 3 -20.52 -13.58 4.62
CA ILE A 3 -19.44 -13.18 3.73
C ILE A 3 -19.76 -13.36 2.23
N THR A 4 -19.44 -12.33 1.43
CA THR A 4 -19.51 -12.37 -0.04
C THR A 4 -18.19 -11.94 -0.62
N LEU A 5 -17.62 -12.80 -1.48
CA LEU A 5 -16.31 -12.60 -2.10
C LEU A 5 -16.45 -12.39 -3.60
N ILE A 6 -15.64 -11.48 -4.16
CA ILE A 6 -15.43 -11.46 -5.60
C ILE A 6 -13.97 -11.45 -5.97
N SER A 7 -13.67 -11.96 -7.16
CA SER A 7 -12.30 -12.06 -7.58
C SER A 7 -12.03 -11.05 -8.68
N HIS A 8 -10.77 -10.67 -8.82
CA HIS A 8 -10.40 -9.77 -9.90
C HIS A 8 -9.69 -10.54 -11.01
N LYS A 9 -9.95 -10.13 -12.24
CA LYS A 9 -9.26 -10.74 -13.37
C LYS A 9 -7.93 -10.03 -13.58
N THR A 10 -7.06 -10.65 -14.38
CA THR A 10 -5.87 -10.01 -14.95
C THR A 10 -4.69 -9.95 -13.98
N LEU A 11 -3.48 -10.25 -14.48
CA LEU A 11 -3.28 -10.83 -15.82
C LEU A 11 -2.39 -12.05 -15.69
N SER A 13 0.76 -11.26 -15.11
CA SER A 13 1.64 -12.29 -14.56
C SER A 13 2.54 -11.66 -13.54
N GLN A 14 2.68 -10.35 -13.60
CA GLN A 14 3.44 -9.63 -12.59
C GLN A 14 2.49 -8.97 -11.60
N LEU A 15 2.53 -9.46 -10.36
CA LEU A 15 1.74 -8.87 -9.31
C LEU A 15 2.64 -7.93 -8.55
N ARG A 16 2.12 -6.74 -8.30
CA ARG A 16 2.84 -5.80 -7.46
C ARG A 16 2.29 -5.95 -6.07
N ASP A 17 3.14 -5.69 -5.09
CA ASP A 17 2.73 -5.71 -3.70
C ASP A 17 1.47 -4.84 -3.50
N GLY A 18 0.50 -5.38 -2.77
CA GLY A 18 -0.72 -4.66 -2.46
C GLY A 18 -1.84 -4.83 -3.49
N MET A 19 -1.49 -5.37 -4.65
CA MET A 19 -2.47 -5.55 -5.72
C MET A 19 -3.64 -6.42 -5.26
N LYS A 20 -4.85 -6.02 -5.63
CA LYS A 20 -6.05 -6.69 -5.17
C LYS A 20 -6.40 -7.93 -5.99
N LEU A 21 -6.37 -9.07 -5.33
CA LEU A 21 -6.69 -10.33 -5.99
C LEU A 21 -8.18 -10.65 -5.85
N ALA A 22 -8.74 -10.34 -4.68
CA ALA A 22 -10.14 -10.63 -4.35
C ALA A 22 -10.65 -9.57 -3.38
N THR A 23 -11.93 -9.27 -3.44
CA THR A 23 -12.52 -8.32 -2.50
C THR A 23 -13.70 -8.93 -1.79
N GLY A 24 -13.84 -8.62 -0.52
CA GLY A 24 -14.89 -9.21 0.26
C GLY A 24 -15.69 -8.27 1.12
N ARG A 25 -16.87 -8.75 1.49
CA ARG A 25 -17.74 -8.03 2.39
C ARG A 25 -18.08 -8.96 3.54
N ILE A 26 -17.81 -8.51 4.76
CA ILE A 26 -18.32 -9.20 5.94
C ILE A 26 -19.46 -8.38 6.53
N ALA A 27 -20.63 -9.01 6.64
CA ALA A 27 -21.82 -8.33 7.20
C ALA A 27 -22.25 -8.95 8.51
N CYS A 28 -22.56 -8.11 9.47
CA CYS A 28 -23.09 -8.56 10.76
C CYS A 28 -24.46 -7.94 10.99
N ARG A 29 -25.50 -8.77 11.07
CA ARG A 29 -26.86 -8.23 11.18
C ARG A 29 -27.28 -8.00 12.63
N GLU A 30 -26.92 -8.91 13.51
CA GLU A 30 -27.20 -8.74 14.92
C GLU A 30 -26.20 -7.75 15.48
N PRO A 31 -26.54 -7.05 16.58
CA PRO A 31 -25.59 -6.07 17.10
C PRO A 31 -24.26 -6.74 17.47
N HIS A 32 -23.19 -5.95 17.47
CA HIS A 32 -21.85 -6.51 17.60
C HIS A 32 -20.83 -5.44 17.83
N ASP A 33 -19.65 -5.89 18.25
CA ASP A 33 -18.52 -5.01 18.43
C ASP A 33 -17.30 -5.56 17.69
N GLY A 34 -17.31 -5.36 16.38
CA GLY A 34 -16.14 -5.63 15.57
C GLY A 34 -16.16 -6.87 14.70
N PHE A 35 -15.26 -6.85 13.73
CA PHE A 35 -15.12 -7.92 12.78
C PHE A 35 -13.76 -8.57 12.90
N HIS A 36 -13.68 -9.73 12.29
CA HIS A 36 -12.64 -10.68 12.55
C HIS A 36 -12.66 -11.57 11.33
N ILE A 37 -11.59 -11.56 10.54
CA ILE A 37 -11.53 -12.42 9.36
C ILE A 37 -10.16 -13.09 9.19
N TRP A 38 -10.16 -14.24 8.53
CA TRP A 38 -8.92 -14.92 8.17
C TRP A 38 -9.00 -15.80 6.93
N ILE A 39 -7.85 -16.26 6.47
CA ILE A 39 -7.86 -17.20 5.37
C ILE A 39 -7.60 -18.57 5.97
N ASN A 40 -8.23 -19.59 5.41
CA ASN A 40 -7.89 -20.96 5.77
C ASN A 40 -6.82 -21.48 4.82
N ALA A 41 -5.57 -21.23 5.21
CA ALA A 41 -4.39 -21.42 4.35
C ALA A 41 -3.13 -21.26 5.19
N SER A 42 -2.03 -21.80 4.69
CA SER A 42 -0.76 -21.84 5.42
C SER A 42 -0.25 -20.45 5.81
N GLN A 43 0.16 -20.31 7.07
CA GLN A 43 0.68 -19.03 7.58
C GLN A 43 2.05 -18.77 6.93
N ASN A 44 2.42 -17.50 6.77
CA ASN A 44 3.66 -17.13 6.10
C ASN A 44 4.31 -15.87 6.69
N GLY A 45 4.81 -15.99 7.92
CA GLY A 45 5.44 -14.85 8.56
C GLY A 45 4.43 -14.07 9.37
N LYS A 46 4.16 -12.82 8.97
CA LYS A 46 3.21 -11.97 9.67
C LYS A 46 1.80 -12.57 9.71
N VAL A 47 0.99 -12.09 10.66
CA VAL A 47 -0.27 -12.75 11.03
C VAL A 47 -1.29 -12.89 9.90
N GLY A 48 -1.64 -11.79 9.24
CA GLY A 48 -2.61 -11.90 8.16
C GLY A 48 -2.06 -12.29 6.79
N HIS A 49 -0.94 -13.02 6.78
CA HIS A 49 -0.20 -13.32 5.56
C HIS A 49 -0.11 -14.83 5.32
N TYR A 50 -0.31 -15.24 4.06
CA TYR A 50 -0.51 -16.66 3.77
C TYR A 50 0.19 -17.16 2.50
N ILE A 51 0.17 -18.48 2.33
CA ILE A 51 0.65 -19.10 1.10
C ILE A 51 -0.43 -19.96 0.48
N VAL A 52 -0.75 -19.70 -0.79
CA VAL A 52 -1.77 -20.46 -1.48
C VAL A 52 -1.18 -21.13 -2.73
N GLN A 53 -1.57 -22.38 -2.99
CA GLN A 53 -1.01 -23.18 -4.08
C GLN A 53 -1.85 -23.14 -5.35
N ASN A 54 -1.17 -23.26 -6.49
CA ASN A 54 -1.82 -23.49 -7.79
C ASN A 54 -2.31 -24.92 -7.86
N ASN A 55 -3.30 -25.17 -8.72
CA ASN A 55 -3.90 -26.50 -8.88
C ASN A 55 -4.63 -26.97 -7.62
N HIS A 60 3.16 -23.97 -8.51
CA HIS A 60 3.56 -22.61 -8.14
C HIS A 60 2.65 -22.01 -7.09
N GLU A 61 3.26 -21.41 -6.08
CA GLU A 61 2.48 -20.84 -5.00
C GLU A 61 2.50 -19.30 -5.00
N LEU A 62 1.55 -18.73 -4.28
CA LEU A 62 1.30 -17.30 -4.30
C LEU A 62 1.27 -16.83 -2.87
N LYS A 63 2.03 -15.78 -2.57
CA LYS A 63 2.01 -15.19 -1.24
C LYS A 63 0.96 -14.09 -1.20
N VAL A 64 0.07 -14.16 -0.21
CA VAL A 64 -1.03 -13.20 -0.13
C VAL A 64 -1.23 -12.65 1.30
N LYS A 65 -1.90 -11.52 1.39
CA LYS A 65 -2.31 -11.01 2.69
C LYS A 65 -3.78 -10.53 2.69
N ILE A 66 -4.40 -10.51 3.87
CA ILE A 66 -5.79 -10.13 3.97
C ILE A 66 -5.98 -8.86 4.85
N GLY A 67 -6.94 -8.02 4.50
CA GLY A 67 -7.19 -6.83 5.31
C GLY A 67 -7.28 -5.62 4.44
N GLY A 68 -6.44 -4.63 4.71
CA GLY A 68 -6.50 -3.33 4.06
C GLY A 68 -6.57 -2.16 5.04
N GLY A 70 -8.34 -0.22 7.04
CA GLY A 70 -8.22 -0.19 8.50
C GLY A 70 -8.48 -1.53 9.18
N TRP A 71 -7.68 -2.53 8.85
CA TRP A 71 -7.74 -3.84 9.49
C TRP A 71 -6.43 -4.00 10.26
N SER A 72 -6.46 -4.63 11.43
CA SER A 72 -5.25 -4.83 12.19
C SER A 72 -5.03 -6.32 12.37
N SER A 73 -3.79 -6.76 12.32
CA SER A 73 -3.43 -8.12 12.70
C SER A 73 -3.92 -8.35 14.10
N SER A 74 -4.26 -9.59 14.40
CA SER A 74 -4.88 -9.88 15.69
C SER A 74 -4.84 -11.35 16.00
N LEU A 75 -4.67 -11.66 17.27
CA LEU A 75 -5.03 -12.96 17.80
C LEU A 75 -6.09 -12.71 18.82
N ILE A 76 -7.14 -13.50 18.71
CA ILE A 76 -8.27 -13.46 19.59
C ILE A 76 -8.52 -14.92 19.97
N GLU A 77 -8.35 -15.23 21.24
CA GLU A 77 -8.55 -16.58 21.73
C GLU A 77 -7.71 -17.54 20.89
N GLY A 78 -6.48 -17.13 20.65
CA GLY A 78 -5.55 -17.92 19.89
C GLY A 78 -5.76 -17.94 18.38
N GLN A 79 -6.90 -17.43 17.89
CA GLN A 79 -7.18 -17.38 16.45
C GLN A 79 -6.52 -16.18 15.75
N ARG A 80 -5.62 -16.50 14.82
CA ARG A 80 -4.93 -15.48 14.01
C ARG A 80 -5.83 -15.00 12.90
N GLY A 81 -5.86 -13.69 12.68
CA GLY A 81 -6.66 -13.12 11.62
C GLY A 81 -6.45 -11.64 11.66
N VAL A 82 -7.26 -10.88 10.93
CA VAL A 82 -7.20 -9.45 11.09
C VAL A 82 -8.50 -8.94 11.68
N TYR A 83 -8.42 -7.78 12.31
CA TYR A 83 -9.50 -7.32 13.12
C TYR A 83 -9.83 -5.89 12.75
N ARG A 84 -11.10 -5.52 12.91
CA ARG A 84 -11.46 -4.11 13.06
C ARG A 84 -12.66 -3.87 14.01
N GLN A 85 -12.45 -2.92 14.92
CA GLN A 85 -13.51 -2.38 15.76
C GLN A 85 -14.59 -1.81 14.88
N GLY A 86 -15.84 -2.00 15.26
CA GLY A 86 -16.92 -1.50 14.47
C GLY A 86 -18.26 -2.03 14.93
N GLU A 87 -19.20 -1.11 15.07
CA GLU A 87 -20.57 -1.47 15.33
C GLU A 87 -21.35 -1.36 14.04
N GLU A 88 -20.71 -0.81 13.00
CA GLU A 88 -21.40 -0.70 11.72
C GLU A 88 -21.73 -2.08 11.15
N LYS A 89 -22.69 -2.10 10.24
CA LYS A 89 -23.30 -3.34 9.74
C LYS A 89 -22.37 -4.21 8.87
N GLN A 90 -21.32 -3.61 8.35
CA GLN A 90 -20.50 -4.30 7.36
C GLN A 90 -19.13 -3.68 7.23
N ALA A 91 -18.21 -4.45 6.70
CA ALA A 91 -16.86 -4.00 6.52
C ALA A 91 -16.35 -4.63 5.23
N ILE A 92 -15.49 -3.91 4.52
CA ILE A 92 -14.95 -4.40 3.26
C ILE A 92 -13.49 -4.78 3.48
N PHE A 93 -13.04 -5.84 2.83
CA PHE A 93 -11.66 -6.25 2.97
C PHE A 93 -11.16 -6.73 1.62
N ASP A 94 -9.84 -6.81 1.50
CA ASP A 94 -9.21 -7.31 0.29
C ASP A 94 -8.26 -8.45 0.59
N ILE A 95 -8.05 -9.28 -0.42
CA ILE A 95 -7.00 -10.24 -0.40
C ILE A 95 -5.99 -9.67 -1.39
N MET A 96 -4.78 -9.41 -0.90
CA MET A 96 -3.78 -8.71 -1.70
C MET A 96 -2.49 -9.50 -1.91
N SER A 97 -1.80 -9.18 -2.98
CA SER A 97 -0.47 -9.76 -3.21
C SER A 97 0.43 -9.31 -2.07
N ASP A 98 1.11 -10.24 -1.40
CA ASP A 98 2.07 -9.88 -0.37
C ASP A 98 3.44 -9.78 -1.03
N GLY A 99 3.86 -8.57 -1.35
CA GLY A 99 5.11 -8.39 -2.04
C GLY A 99 4.93 -8.54 -3.54
N ASN A 100 5.99 -8.24 -4.29
CA ASN A 100 6.03 -8.52 -5.72
C ASN A 100 6.32 -10.00 -5.93
N GLN A 101 5.71 -10.57 -6.98
CA GLN A 101 5.88 -11.98 -7.30
C GLN A 101 5.24 -12.19 -8.65
N TYR A 102 5.38 -13.39 -9.21
CA TYR A 102 4.65 -13.77 -10.41
C TYR A 102 3.46 -14.66 -10.10
N SER A 103 2.68 -14.98 -11.12
CA SER A 103 1.61 -15.96 -10.98
C SER A 103 1.66 -16.91 -12.14
N ALA A 104 1.90 -18.17 -11.84
CA ALA A 104 1.69 -19.22 -12.80
C ALA A 104 0.22 -19.17 -13.15
N PRO A 105 -0.10 -19.24 -14.45
CA PRO A 105 -1.52 -19.41 -14.82
C PRO A 105 -2.14 -20.61 -14.12
N GLY A 106 -3.46 -20.59 -13.99
CA GLY A 106 -4.16 -21.59 -13.21
C GLY A 106 -5.08 -20.93 -12.20
N GLU A 107 -5.48 -21.71 -11.20
CA GLU A 107 -6.45 -21.26 -10.23
C GLU A 107 -5.96 -21.43 -8.80
N TYR A 108 -6.30 -20.45 -7.97
CA TYR A 108 -5.93 -20.42 -6.58
C TYR A 108 -7.22 -20.27 -5.79
N ILE A 109 -7.50 -21.24 -4.94
CA ILE A 109 -8.71 -21.22 -4.13
C ILE A 109 -8.46 -20.56 -2.77
N PHE A 110 -9.23 -19.52 -2.50
CA PHE A 110 -9.16 -18.85 -1.20
C PHE A 110 -10.40 -19.16 -0.35
N SER A 111 -10.17 -19.79 0.79
CA SER A 111 -11.24 -19.98 1.73
C SER A 111 -11.07 -18.91 2.78
N VAL A 112 -12.15 -18.16 3.06
CA VAL A 112 -12.12 -17.08 4.02
C VAL A 112 -13.15 -17.31 5.08
N SER A 113 -12.74 -17.10 6.33
CA SER A 113 -13.66 -17.23 7.44
C SER A 113 -13.74 -15.91 8.18
N GLY A 114 -14.83 -15.74 8.91
CA GLY A 114 -14.99 -14.54 9.71
C GLY A 114 -16.12 -14.60 10.72
N GLU A 115 -16.05 -13.74 11.71
CA GLU A 115 -17.00 -13.73 12.81
C GLU A 115 -17.36 -12.29 13.20
N CYS A 116 -18.53 -12.14 13.82
CA CYS A 116 -18.93 -10.87 14.42
C CYS A 116 -18.61 -10.93 15.89
N LEU A 117 -17.56 -10.24 16.31
CA LEU A 117 -17.13 -10.23 17.69
C LEU A 117 -18.12 -9.44 18.56
N ILE A 118 -18.23 -9.80 19.84
CA ILE A 118 -19.14 -9.11 20.77
C ILE A 118 -18.41 -8.57 21.99
N SER A 119 -18.77 -7.35 22.40
CA SER A 119 -18.00 -6.55 23.37
C SER A 119 -17.61 -7.25 24.65
N ARG A 120 -18.53 -8.05 25.19
CA ARG A 120 -18.28 -8.77 26.44
C ARG A 120 -17.22 -9.86 26.25
N LEU A 127 -12.13 -9.10 23.86
CA LEU A 127 -13.18 -9.36 22.88
C LEU A 127 -13.56 -10.83 22.83
N GLU A 128 -14.81 -11.12 22.49
CA GLU A 128 -15.27 -12.50 22.41
C GLU A 128 -15.65 -12.96 21.01
N ARG A 129 -15.20 -14.18 20.66
CA ARG A 129 -15.58 -14.86 19.43
C ARG A 129 -16.97 -15.44 19.59
N PRO A 130 -17.83 -15.27 18.57
CA PRO A 130 -19.20 -15.78 18.61
C PRO A 130 -19.23 -17.28 18.40
N PRO A 131 -20.41 -17.90 18.53
CA PRO A 131 -20.42 -19.34 18.29
C PRO A 131 -20.62 -19.68 16.82
N ILE A 132 -21.07 -18.70 16.06
CA ILE A 132 -21.31 -18.90 14.64
C ILE A 132 -20.21 -18.21 13.83
N LYS A 133 -19.78 -18.86 12.76
CA LYS A 133 -18.64 -18.40 11.98
C LYS A 133 -18.98 -18.57 10.49
N ALA A 134 -18.68 -17.56 9.68
CA ALA A 134 -18.93 -17.69 8.24
C ALA A 134 -17.70 -18.23 7.53
N THR A 135 -17.92 -18.90 6.41
CA THR A 135 -16.84 -19.45 5.61
C THR A 135 -17.28 -19.45 4.16
N GLU A 136 -16.52 -18.76 3.30
CA GLU A 136 -16.84 -18.73 1.88
C GLU A 136 -15.58 -18.93 1.05
N THR A 137 -15.76 -19.30 -0.20
CA THR A 137 -14.66 -19.69 -1.08
C THR A 137 -14.73 -18.88 -2.33
N ILE A 138 -13.58 -18.41 -2.80
CA ILE A 138 -13.50 -17.73 -4.09
C ILE A 138 -12.25 -18.27 -4.80
N ARG A 139 -12.31 -18.37 -6.13
CA ARG A 139 -11.20 -18.89 -6.91
C ARG A 139 -10.59 -17.77 -7.69
N LEU A 140 -9.29 -17.58 -7.55
CA LEU A 140 -8.58 -16.61 -8.39
C LEU A 140 -8.07 -17.37 -9.60
N THR A 141 -8.54 -16.99 -10.78
CA THR A 141 -8.18 -17.69 -12.00
C THR A 141 -7.24 -16.82 -12.82
N VAL A 142 -6.05 -17.34 -13.07
CA VAL A 142 -5.03 -16.58 -13.79
C VAL A 142 -4.73 -17.18 -15.16
N ALA B 1 27.92 10.97 -23.80
CA ALA B 1 28.48 11.42 -25.10
C ALA B 1 27.76 10.85 -26.31
N GLU B 2 27.30 9.62 -26.23
CA GLU B 2 26.36 9.14 -27.25
C GLU B 2 25.04 8.65 -26.63
N ILE B 3 23.92 9.21 -27.07
CA ILE B 3 22.61 8.90 -26.47
C ILE B 3 21.56 8.41 -27.45
N THR B 4 20.94 7.29 -27.10
CA THR B 4 19.88 6.68 -27.88
C THR B 4 18.58 6.61 -27.06
N LEU B 5 17.45 6.95 -27.66
CA LEU B 5 16.20 6.97 -26.87
C LEU B 5 15.11 6.16 -27.53
N ILE B 6 14.47 5.29 -26.76
CA ILE B 6 13.23 4.65 -27.23
C ILE B 6 12.03 5.02 -26.35
N SER B 7 10.87 5.23 -26.96
CA SER B 7 9.62 5.52 -26.24
C SER B 7 8.68 4.31 -26.12
N HIS B 8 8.02 4.19 -24.96
CA HIS B 8 7.16 3.04 -24.67
C HIS B 8 5.65 3.27 -24.89
N THR B 10 2.76 3.17 -27.39
CA THR B 10 2.18 3.85 -26.25
C THR B 10 1.96 2.90 -25.07
N GLY B 12 -3.14 3.66 -21.06
CA GLY B 12 -4.26 4.55 -21.30
C GLY B 12 -4.02 5.99 -20.86
N SER B 13 -4.97 6.52 -20.11
CA SER B 13 -4.99 7.94 -19.76
C SER B 13 -4.32 8.20 -18.42
N GLN B 14 -4.03 7.13 -17.71
CA GLN B 14 -3.51 7.21 -16.36
C GLN B 14 -2.07 6.72 -16.34
N LEU B 15 -1.36 7.00 -15.26
CA LEU B 15 0.03 6.64 -15.14
C LEU B 15 0.31 6.38 -13.69
N ARG B 16 0.92 5.24 -13.37
CA ARG B 16 1.31 4.98 -12.00
C ARG B 16 2.72 5.50 -11.73
N ASP B 17 2.97 5.82 -10.47
CA ASP B 17 4.28 6.30 -10.07
C ASP B 17 5.33 5.29 -10.52
N GLY B 18 6.41 5.77 -11.12
CA GLY B 18 7.52 4.91 -11.48
C GLY B 18 7.35 4.29 -12.85
N MET B 19 6.24 4.58 -13.51
CA MET B 19 6.01 3.98 -14.82
C MET B 19 6.99 4.52 -15.86
N LYS B 20 7.48 3.65 -16.74
CA LYS B 20 8.44 4.06 -17.76
C LYS B 20 7.77 4.68 -18.99
N LEU B 21 8.09 5.94 -19.26
CA LEU B 21 7.55 6.60 -20.43
C LEU B 21 8.54 6.46 -21.58
N ALA B 22 9.83 6.52 -21.24
CA ALA B 22 10.91 6.35 -22.21
C ALA B 22 12.07 5.66 -21.53
N THR B 23 12.90 5.00 -22.34
CA THR B 23 14.08 4.33 -21.84
C THR B 23 15.25 4.75 -22.73
N GLY B 24 16.41 4.94 -22.11
CA GLY B 24 17.53 5.45 -22.86
C GLY B 24 18.83 4.74 -22.58
N ARG B 25 19.78 4.91 -23.51
CA ARG B 25 21.14 4.46 -23.31
C ARG B 25 22.08 5.65 -23.41
N ILE B 26 23.13 5.69 -22.59
CA ILE B 26 24.23 6.63 -22.77
C ILE B 26 25.55 5.86 -22.93
N ALA B 27 26.11 5.91 -24.14
CA ALA B 27 27.34 5.20 -24.45
C ALA B 27 28.53 6.12 -24.26
N CYS B 28 29.61 5.57 -23.72
CA CYS B 28 30.83 6.32 -23.57
C CYS B 28 32.01 5.54 -24.14
N ARG B 29 32.41 5.85 -25.37
CA ARG B 29 33.57 5.19 -25.97
C ARG B 29 34.83 5.38 -25.13
N GLU B 30 35.37 6.60 -25.15
CA GLU B 30 36.60 6.95 -24.44
C GLU B 30 36.56 6.60 -22.94
N PRO B 31 37.74 6.51 -22.30
CA PRO B 31 37.79 6.18 -20.88
C PRO B 31 37.07 7.21 -20.05
N HIS B 32 36.43 6.77 -18.97
CA HIS B 32 35.67 7.69 -18.15
C HIS B 32 35.41 7.04 -16.80
N ASP B 33 34.99 7.82 -15.82
CA ASP B 33 34.71 7.25 -14.52
C ASP B 33 33.27 7.45 -14.06
N GLY B 34 32.39 7.84 -14.98
CA GLY B 34 31.01 8.05 -14.60
C GLY B 34 30.09 8.56 -15.68
N PHE B 35 28.79 8.66 -15.35
CA PHE B 35 27.75 9.13 -16.26
C PHE B 35 26.85 10.14 -15.56
N HIS B 36 26.26 11.01 -16.34
CA HIS B 36 25.72 12.28 -15.89
C HIS B 36 24.65 12.58 -16.92
N ILE B 37 23.38 12.58 -16.53
CA ILE B 37 22.31 12.92 -17.48
C ILE B 37 21.30 13.86 -16.87
N TRP B 38 20.53 14.55 -17.71
CA TRP B 38 19.42 15.36 -17.24
C TRP B 38 18.43 15.58 -18.35
N ILE B 39 17.24 16.10 -18.02
CA ILE B 39 16.30 16.47 -19.05
C ILE B 39 16.33 17.97 -19.23
N ASN B 40 16.28 18.46 -20.46
CA ASN B 40 16.15 19.92 -20.67
C ASN B 40 14.70 20.39 -20.64
N ALA B 41 14.21 20.61 -19.43
CA ALA B 41 12.84 21.06 -19.23
C ALA B 41 12.80 21.71 -17.85
N SER B 42 11.73 22.43 -17.58
CA SER B 42 11.50 23.01 -16.25
C SER B 42 11.62 21.99 -15.11
N GLN B 43 12.53 22.25 -14.18
CA GLN B 43 12.66 21.40 -13.00
C GLN B 43 11.36 21.47 -12.22
N ASN B 44 11.19 20.57 -11.25
CA ASN B 44 9.99 20.54 -10.44
C ASN B 44 10.23 19.76 -9.16
N GLY B 45 10.92 20.38 -8.22
CA GLY B 45 11.16 19.74 -6.94
C GLY B 45 12.59 19.28 -6.84
N LYS B 46 12.76 18.00 -6.55
CA LYS B 46 14.07 17.38 -6.52
C LYS B 46 14.69 17.39 -7.91
N VAL B 47 15.96 17.77 -7.99
CA VAL B 47 16.77 17.37 -9.12
C VAL B 47 16.79 15.86 -9.04
N GLY B 48 16.49 15.16 -10.14
CA GLY B 48 16.08 15.74 -11.39
C GLY B 48 14.67 15.21 -11.70
N HIS B 49 13.70 15.99 -11.25
CA HIS B 49 12.28 15.78 -11.50
C HIS B 49 11.75 16.99 -12.28
N TYR B 50 10.92 16.73 -13.27
CA TYR B 50 10.58 17.76 -14.24
C TYR B 50 9.10 17.77 -14.57
N ILE B 51 8.65 18.87 -15.16
CA ILE B 51 7.32 18.96 -15.75
C ILE B 51 7.45 19.17 -17.25
N VAL B 52 6.71 18.43 -18.05
CA VAL B 52 6.82 18.56 -19.50
C VAL B 52 5.51 18.97 -20.14
N GLN B 53 5.58 19.95 -21.03
CA GLN B 53 4.42 20.50 -21.72
C GLN B 53 3.92 19.60 -22.83
N ASN B 54 2.61 19.40 -22.86
CA ASN B 54 1.95 18.88 -24.04
C ASN B 54 2.00 19.94 -25.12
N ASN B 55 1.85 19.52 -26.37
CA ASN B 55 1.68 20.49 -27.45
C ASN B 55 0.22 20.91 -27.55
N ARG B 56 -0.17 21.79 -26.63
CA ARG B 56 -1.45 22.49 -26.60
C ARG B 56 -1.55 23.25 -25.29
N HIS B 60 -1.87 20.95 -19.96
CA HIS B 60 -1.55 19.52 -19.79
C HIS B 60 -0.09 19.31 -19.42
N GLU B 61 0.16 18.76 -18.24
CA GLU B 61 1.53 18.66 -17.75
C GLU B 61 1.89 17.32 -17.15
N LEU B 62 2.78 16.59 -17.81
CA LEU B 62 3.37 15.41 -17.22
C LEU B 62 4.49 15.79 -16.28
N LYS B 63 4.42 15.30 -15.06
CA LYS B 63 5.56 15.36 -14.15
C LYS B 63 6.33 14.09 -14.41
N VAL B 64 7.59 14.24 -14.79
CA VAL B 64 8.39 13.07 -15.04
C VAL B 64 9.64 13.13 -14.20
N LYS B 65 10.31 11.99 -14.08
CA LYS B 65 11.61 11.94 -13.40
C LYS B 65 12.56 11.05 -14.18
N ILE B 66 13.85 11.32 -14.02
CA ILE B 66 14.84 10.62 -14.80
C ILE B 66 15.87 9.92 -13.93
N GLY B 67 16.30 8.74 -14.37
CA GLY B 67 17.36 8.02 -13.70
C GLY B 67 16.96 6.58 -13.49
N GLY B 68 16.65 6.24 -12.25
CA GLY B 68 16.25 4.87 -11.91
C GLY B 68 17.37 4.17 -11.17
N GLY B 69 17.22 2.86 -11.01
CA GLY B 69 18.20 2.02 -10.33
C GLY B 69 19.67 2.36 -10.54
N GLY B 70 20.29 2.90 -9.49
CA GLY B 70 21.71 3.18 -9.52
C GLY B 70 22.06 4.59 -9.98
N TRP B 71 21.06 5.46 -10.05
CA TRP B 71 21.27 6.86 -10.45
C TRP B 71 20.97 7.72 -9.23
N SER B 72 21.94 8.53 -8.82
CA SER B 72 21.73 9.44 -7.70
C SER B 72 21.63 10.85 -8.25
N SER B 73 20.81 11.68 -7.59
CA SER B 73 20.62 13.07 -8.00
C SER B 73 21.96 13.78 -7.90
N SER B 74 22.25 14.68 -8.83
CA SER B 74 23.59 15.30 -8.84
C SER B 74 23.69 16.78 -9.22
N LEU B 75 24.83 17.38 -8.88
CA LEU B 75 25.09 18.79 -9.09
C LEU B 75 26.57 18.96 -9.42
N ILE B 76 26.89 18.88 -10.70
CA ILE B 76 28.27 18.82 -11.14
C ILE B 76 28.66 20.01 -12.03
N GLU B 77 29.33 21.00 -11.46
CA GLU B 77 29.91 22.13 -12.21
C GLU B 77 29.02 23.06 -13.07
N GLY B 78 27.88 23.56 -12.59
CA GLY B 78 27.09 23.00 -11.52
C GLY B 78 25.82 22.60 -12.25
N GLN B 79 25.95 21.58 -13.09
CA GLN B 79 24.83 21.04 -13.87
C GLN B 79 24.02 20.07 -13.01
N ARG B 80 22.74 20.38 -12.83
CA ARG B 80 21.84 19.49 -12.10
C ARG B 80 21.47 18.31 -13.01
N GLY B 81 21.36 17.12 -12.42
CA GLY B 81 20.99 15.93 -13.16
C GLY B 81 21.09 14.71 -12.27
N VAL B 82 21.09 13.52 -12.84
CA VAL B 82 21.35 12.33 -12.04
C VAL B 82 22.63 11.68 -12.55
N TYR B 83 23.33 10.97 -11.66
CA TYR B 83 24.68 10.50 -11.92
C TYR B 83 24.85 9.04 -11.47
N ARG B 84 25.96 8.44 -11.91
CA ARG B 84 26.29 7.05 -11.66
C ARG B 84 27.80 6.89 -11.88
N GLN B 85 28.49 6.27 -10.91
CA GLN B 85 29.93 6.01 -11.06
C GLN B 85 30.08 4.82 -11.95
N GLY B 86 31.25 4.67 -12.57
CA GLY B 86 31.53 3.46 -13.34
C GLY B 86 32.40 3.70 -14.55
N GLU B 87 33.23 2.71 -14.86
CA GLU B 87 34.08 2.79 -16.04
C GLU B 87 33.49 2.01 -17.19
N GLU B 88 32.37 1.34 -16.95
CA GLU B 88 31.79 0.50 -17.98
C GLU B 88 31.32 1.34 -19.15
N LYS B 89 31.24 0.71 -20.29
CA LYS B 89 31.10 1.41 -21.54
C LYS B 89 29.75 2.10 -21.73
N GLN B 90 28.68 1.57 -21.17
CA GLN B 90 27.39 2.21 -21.35
C GLN B 90 26.47 2.04 -20.17
N ALA B 91 25.35 2.76 -20.16
CA ALA B 91 24.46 2.76 -19.00
C ALA B 91 23.02 3.00 -19.41
N ILE B 92 22.12 2.29 -18.75
CA ILE B 92 20.71 2.37 -19.08
C ILE B 92 19.97 3.19 -18.02
N PHE B 93 19.05 4.05 -18.49
CA PHE B 93 18.21 4.89 -17.62
C PHE B 93 16.79 4.98 -18.16
N ASP B 94 15.87 5.42 -17.32
CA ASP B 94 14.51 5.60 -17.81
C ASP B 94 14.01 7.00 -17.55
N ILE B 95 13.00 7.38 -18.30
CA ILE B 95 12.18 8.54 -17.97
C ILE B 95 10.87 8.02 -17.42
N MET B 96 10.57 8.41 -16.19
CA MET B 96 9.46 7.81 -15.48
C MET B 96 8.41 8.82 -15.04
N SER B 97 7.16 8.36 -14.99
CA SER B 97 6.09 9.12 -14.37
C SER B 97 6.45 9.49 -12.93
N ASP B 98 6.36 10.78 -12.62
CA ASP B 98 6.68 11.26 -11.28
C ASP B 98 5.42 11.31 -10.43
N GLY B 99 5.05 10.18 -9.87
CA GLY B 99 3.80 10.04 -9.16
C GLY B 99 2.67 9.53 -10.04
N ASN B 100 1.53 9.26 -9.40
CA ASN B 100 0.32 8.87 -10.12
C ASN B 100 -0.31 10.11 -10.71
N GLN B 101 -0.79 10.00 -11.94
CA GLN B 101 -1.31 11.18 -12.63
C GLN B 101 -2.07 10.78 -13.87
N TYR B 102 -2.81 11.72 -14.41
CA TYR B 102 -3.56 11.55 -15.64
C TYR B 102 -2.75 12.10 -16.81
N SER B 103 -2.97 11.53 -17.98
CA SER B 103 -2.26 11.99 -19.16
C SER B 103 -3.20 12.55 -20.21
N ALA B 104 -3.18 13.85 -20.39
CA ALA B 104 -3.86 14.42 -21.52
C ALA B 104 -3.17 13.85 -22.74
N PRO B 105 -3.96 13.45 -23.75
CA PRO B 105 -3.39 12.96 -25.01
C PRO B 105 -2.53 14.03 -25.67
N GLY B 106 -1.88 13.67 -26.78
CA GLY B 106 -1.08 14.64 -27.53
C GLY B 106 0.37 14.21 -27.61
N GLU B 107 1.25 15.18 -27.88
CA GLU B 107 2.67 14.88 -27.96
C GLU B 107 3.45 15.51 -26.81
N TYR B 108 4.45 14.80 -26.32
CA TYR B 108 5.35 15.37 -25.33
C TYR B 108 6.79 15.14 -25.79
N ILE B 109 7.55 16.23 -25.86
CA ILE B 109 8.95 16.16 -26.27
C ILE B 109 9.90 16.04 -25.07
N PHE B 110 10.57 14.90 -24.98
CA PHE B 110 11.64 14.78 -24.02
C PHE B 110 13.00 15.11 -24.66
N SER B 111 13.67 16.11 -24.13
CA SER B 111 15.00 16.40 -24.61
C SER B 111 15.97 16.04 -23.52
N VAL B 112 16.85 15.07 -23.80
CA VAL B 112 17.75 14.53 -22.81
C VAL B 112 19.21 14.87 -23.15
N SER B 113 19.94 15.37 -22.17
CA SER B 113 21.37 15.58 -22.30
C SER B 113 22.13 14.68 -21.33
N GLY B 114 23.38 14.39 -21.67
CA GLY B 114 24.22 13.53 -20.86
C GLY B 114 25.70 13.68 -21.14
N GLU B 115 26.53 13.25 -20.19
CA GLU B 115 27.98 13.41 -20.30
C GLU B 115 28.75 12.23 -19.70
N CYS B 116 29.86 11.88 -20.33
CA CYS B 116 30.74 10.84 -19.79
C CYS B 116 31.73 11.47 -18.83
N LEU B 117 31.47 11.32 -17.52
CA LEU B 117 32.31 11.96 -16.50
C LEU B 117 33.76 11.43 -16.50
N ILE B 118 34.69 12.26 -16.07
CA ILE B 118 36.10 11.89 -15.99
C ILE B 118 36.64 12.25 -14.61
N SER B 119 37.70 11.59 -14.17
CA SER B 119 38.18 11.81 -12.81
C SER B 119 39.00 13.08 -12.58
N ARG B 120 40.31 12.99 -12.70
CA ARG B 120 41.22 14.09 -12.34
C ARG B 120 40.70 15.53 -12.54
N GLN B 125 36.93 9.09 -9.32
CA GLN B 125 36.54 9.33 -7.93
C GLN B 125 36.14 10.78 -7.68
N ALA B 126 36.98 11.71 -8.14
CA ALA B 126 36.72 13.14 -8.06
C ALA B 126 36.20 13.64 -9.40
N LEU B 127 34.91 13.41 -9.68
CA LEU B 127 34.37 13.52 -11.03
C LEU B 127 34.28 14.94 -11.66
N GLU B 128 34.68 15.02 -12.93
CA GLU B 128 34.61 16.26 -13.70
C GLU B 128 33.87 16.10 -15.04
N ARG B 129 33.23 17.19 -15.48
CA ARG B 129 32.53 17.17 -16.76
C ARG B 129 33.51 17.18 -17.93
N PRO B 130 33.22 16.40 -18.98
CA PRO B 130 34.11 16.31 -20.13
C PRO B 130 33.84 17.46 -21.11
N PRO B 131 34.61 17.53 -22.21
CA PRO B 131 34.32 18.56 -23.20
C PRO B 131 33.14 18.22 -24.13
N ILE B 132 32.75 16.95 -24.19
CA ILE B 132 31.63 16.56 -25.05
C ILE B 132 30.31 16.37 -24.30
N LYS B 133 29.26 17.00 -24.82
CA LYS B 133 27.90 16.77 -24.35
C LYS B 133 26.96 16.34 -25.48
N ALA B 134 26.12 15.34 -25.20
CA ALA B 134 25.15 14.89 -26.16
C ALA B 134 23.73 15.33 -25.76
N THR B 135 22.89 15.54 -26.75
CA THR B 135 21.52 15.91 -26.53
C THR B 135 20.71 15.21 -27.57
N GLU B 136 19.67 14.51 -27.14
CA GLU B 136 18.81 13.83 -28.09
C GLU B 136 17.37 14.10 -27.74
N THR B 137 16.53 14.11 -28.76
CA THR B 137 15.12 14.42 -28.61
C THR B 137 14.27 13.15 -28.80
N ILE B 138 13.24 13.00 -27.96
CA ILE B 138 12.23 11.98 -28.25
C ILE B 138 10.80 12.45 -27.93
N ARG B 139 9.88 12.09 -28.82
CA ARG B 139 8.49 12.50 -28.69
C ARG B 139 7.67 11.38 -28.09
N LEU B 140 7.05 11.66 -26.95
CA LEU B 140 6.11 10.72 -26.34
C LEU B 140 4.76 10.99 -26.97
N THR B 141 4.05 9.93 -27.34
CA THR B 141 2.69 10.05 -27.84
C THR B 141 1.70 9.44 -26.85
N VAL B 142 0.79 10.27 -26.34
CA VAL B 142 -0.29 9.76 -25.47
C VAL B 142 -1.66 9.88 -26.13
N ALA C 1 -12.22 7.20 -8.42
CA ALA C 1 -11.16 6.84 -9.37
C ALA C 1 -10.97 5.32 -9.49
N GLU C 2 -11.08 4.58 -8.39
CA GLU C 2 -11.26 3.12 -8.49
C GLU C 2 -12.50 2.57 -7.76
N ILE C 3 -13.41 1.97 -8.52
CA ILE C 3 -14.67 1.50 -7.94
C ILE C 3 -14.82 -0.04 -7.91
N THR C 4 -15.07 -0.60 -6.73
CA THR C 4 -15.38 -2.02 -6.60
C THR C 4 -16.86 -2.17 -6.20
N LEU C 5 -17.59 -3.08 -6.85
CA LEU C 5 -19.00 -3.40 -6.49
C LEU C 5 -19.22 -4.89 -6.19
N ILE C 6 -19.77 -5.18 -5.01
CA ILE C 6 -20.07 -6.53 -4.63
C ILE C 6 -21.57 -6.77 -4.58
N SER C 7 -22.03 -7.75 -5.37
CA SER C 7 -23.41 -8.20 -5.36
C SER C 7 -23.75 -9.13 -4.17
N HIS C 8 -25.02 -9.20 -3.80
CA HIS C 8 -25.42 -10.06 -2.67
C HIS C 8 -26.18 -11.32 -3.13
N LEU C 11 -31.02 -12.59 -3.78
CA LEU C 11 -31.63 -11.45 -3.07
C LEU C 11 -33.09 -11.70 -2.72
N GLY C 12 -33.84 -12.33 -3.62
CA GLY C 12 -35.24 -12.60 -3.35
C GLY C 12 -36.12 -11.39 -3.65
N SER C 13 -37.38 -11.67 -3.95
CA SER C 13 -38.29 -10.70 -4.54
C SER C 13 -38.79 -9.63 -3.59
N GLN C 14 -38.82 -9.96 -2.31
CA GLN C 14 -39.39 -9.06 -1.34
C GLN C 14 -38.31 -8.12 -0.86
N LEU C 15 -38.37 -6.86 -1.28
CA LEU C 15 -37.38 -5.88 -0.87
C LEU C 15 -38.02 -4.80 -0.04
N ARG C 16 -37.57 -4.68 1.20
CA ARG C 16 -38.07 -3.65 2.08
C ARG C 16 -37.30 -2.35 1.82
N ASP C 17 -37.84 -1.23 2.29
CA ASP C 17 -37.20 0.05 2.01
C ASP C 17 -35.83 0.10 2.67
N GLY C 18 -34.84 0.58 1.93
CA GLY C 18 -33.49 0.76 2.46
C GLY C 18 -32.70 -0.53 2.64
N MET C 19 -33.28 -1.62 2.15
CA MET C 19 -32.60 -2.90 2.11
C MET C 19 -31.35 -2.80 1.25
N LYS C 20 -30.21 -3.26 1.77
CA LYS C 20 -28.96 -3.24 1.02
C LYS C 20 -28.94 -4.30 -0.08
N LEU C 21 -28.81 -3.85 -1.33
CA LEU C 21 -28.86 -4.72 -2.50
C LEU C 21 -27.46 -5.07 -2.98
N ALA C 22 -26.52 -4.20 -2.67
CA ALA C 22 -25.15 -4.31 -3.12
C ALA C 22 -24.34 -3.30 -2.33
N THR C 23 -23.08 -3.63 -2.04
CA THR C 23 -22.19 -2.70 -1.39
C THR C 23 -21.13 -2.28 -2.42
N GLY C 24 -20.60 -1.07 -2.27
CA GLY C 24 -19.63 -0.54 -3.23
C GLY C 24 -18.50 0.10 -2.46
N ARG C 25 -17.34 0.23 -3.10
CA ARG C 25 -16.26 1.02 -2.53
C ARG C 25 -15.58 1.85 -3.61
N ILE C 26 -15.38 3.15 -3.33
CA ILE C 26 -14.62 4.00 -4.22
C ILE C 26 -13.27 4.25 -3.55
N ALA C 27 -12.18 4.04 -4.29
CA ALA C 27 -10.83 4.25 -3.75
C ALA C 27 -10.13 5.26 -4.63
N CYS C 28 -9.29 6.10 -4.01
CA CYS C 28 -8.58 7.19 -4.68
C CYS C 28 -7.07 7.07 -4.39
N ARG C 29 -6.24 7.11 -5.42
CA ARG C 29 -4.79 6.93 -5.23
C ARG C 29 -4.05 8.26 -5.04
N GLU C 30 -4.56 9.31 -5.64
CA GLU C 30 -3.97 10.64 -5.46
C GLU C 30 -4.71 11.35 -4.34
N PRO C 31 -4.05 12.31 -3.68
CA PRO C 31 -4.69 13.13 -2.64
C PRO C 31 -5.95 13.80 -3.18
N HIS C 32 -6.94 14.00 -2.31
CA HIS C 32 -8.21 14.49 -2.79
C HIS C 32 -8.99 15.05 -1.64
N ASP C 33 -10.07 15.76 -1.95
CA ASP C 33 -10.98 16.22 -0.91
C ASP C 33 -12.38 15.87 -1.33
N GLY C 34 -12.91 14.77 -0.80
CA GLY C 34 -14.27 14.39 -1.12
C GLY C 34 -14.44 13.40 -2.25
N PHE C 35 -15.57 12.68 -2.20
CA PHE C 35 -15.95 11.77 -3.26
C PHE C 35 -17.33 12.17 -3.81
N HIS C 36 -17.60 11.82 -5.05
CA HIS C 36 -18.98 11.70 -5.49
C HIS C 36 -19.20 10.55 -6.47
N ILE C 37 -20.41 9.99 -6.41
CA ILE C 37 -20.78 8.80 -7.16
C ILE C 37 -22.19 8.91 -7.69
N TRP C 38 -22.52 8.11 -8.69
CA TRP C 38 -23.88 8.12 -9.20
C TRP C 38 -24.12 6.86 -9.99
N ILE C 39 -25.39 6.62 -10.30
CA ILE C 39 -25.74 5.46 -11.08
C ILE C 39 -26.07 5.95 -12.47
N ASN C 40 -25.65 5.19 -13.49
CA ASN C 40 -25.95 5.57 -14.86
C ASN C 40 -27.29 5.01 -15.31
N ALA C 41 -28.36 5.62 -14.82
CA ALA C 41 -29.73 5.20 -15.08
C ALA C 41 -30.65 6.40 -14.97
N SER C 42 -31.88 6.28 -15.47
CA SER C 42 -32.87 7.36 -15.36
C SER C 42 -33.09 7.70 -13.90
N GLN C 43 -33.01 8.98 -13.58
CA GLN C 43 -33.36 9.43 -12.24
C GLN C 43 -34.85 9.21 -12.05
N ASN C 44 -35.24 8.80 -10.86
CA ASN C 44 -36.63 8.53 -10.51
C ASN C 44 -37.05 9.32 -9.29
N GLY C 45 -37.18 10.63 -9.45
CA GLY C 45 -37.56 11.47 -8.34
C GLY C 45 -36.37 12.28 -7.85
N LYS C 46 -36.01 12.06 -6.58
CA LYS C 46 -34.93 12.81 -5.95
C LYS C 46 -33.57 12.42 -6.51
N VAL C 47 -32.59 13.29 -6.34
CA VAL C 47 -31.23 12.98 -6.81
C VAL C 47 -30.75 11.74 -6.09
N GLY C 48 -30.18 10.78 -6.83
CA GLY C 48 -29.72 9.53 -6.21
C GLY C 48 -30.71 8.38 -6.10
N HIS C 49 -31.95 8.58 -6.56
CA HIS C 49 -32.93 7.53 -6.66
C HIS C 49 -33.13 7.21 -8.14
N TYR C 50 -33.30 5.94 -8.48
CA TYR C 50 -33.25 5.53 -9.88
C TYR C 50 -34.12 4.34 -10.20
N ILE C 51 -34.37 4.15 -11.49
CA ILE C 51 -35.13 2.99 -11.97
C ILE C 51 -34.26 2.24 -12.92
N VAL C 52 -34.16 0.93 -12.74
CA VAL C 52 -33.37 0.10 -13.64
C VAL C 52 -34.23 -1.05 -14.19
N GLN C 53 -34.06 -1.35 -15.47
CA GLN C 53 -34.92 -2.34 -16.10
C GLN C 53 -34.41 -3.76 -15.87
N ASN C 54 -35.31 -4.74 -15.81
CA ASN C 54 -34.86 -6.12 -15.86
C ASN C 54 -34.29 -6.37 -17.23
N ASN C 55 -33.39 -7.34 -17.34
CA ASN C 55 -32.76 -7.64 -18.61
C ASN C 55 -33.67 -8.29 -19.65
N ARG C 56 -34.95 -8.48 -19.29
CA ARG C 56 -35.98 -8.94 -20.22
C ARG C 56 -37.40 -8.74 -19.64
N HIS C 60 -39.96 -5.43 -16.56
CA HIS C 60 -39.84 -5.51 -15.11
C HIS C 60 -38.80 -4.51 -14.55
N GLU C 61 -39.19 -3.82 -13.49
CA GLU C 61 -38.39 -2.72 -13.00
C GLU C 61 -38.11 -2.83 -11.51
N LEU C 62 -37.09 -2.08 -11.10
CA LEU C 62 -36.56 -2.08 -9.75
C LEU C 62 -36.15 -0.66 -9.41
N LYS C 63 -36.66 -0.14 -8.31
CA LYS C 63 -36.35 1.20 -7.84
C LYS C 63 -35.19 1.13 -6.86
N VAL C 64 -34.04 1.70 -7.24
CA VAL C 64 -32.89 1.69 -6.35
C VAL C 64 -32.48 3.08 -5.93
N LYS C 65 -31.77 3.15 -4.82
CA LYS C 65 -31.06 4.35 -4.45
C LYS C 65 -29.63 4.05 -4.03
N ILE C 66 -28.78 5.07 -4.08
CA ILE C 66 -27.34 4.92 -3.83
C ILE C 66 -26.88 5.86 -2.71
N GLY C 67 -26.01 5.37 -1.83
CA GLY C 67 -25.49 6.20 -0.77
C GLY C 67 -25.30 5.47 0.54
N GLY C 68 -25.98 5.95 1.58
CA GLY C 68 -25.84 5.44 2.92
C GLY C 68 -25.21 6.49 3.81
N GLY C 69 -24.76 6.06 4.99
CA GLY C 69 -24.19 6.96 5.97
C GLY C 69 -23.12 7.85 5.37
N GLY C 70 -23.29 9.16 5.53
CA GLY C 70 -22.26 10.11 5.15
C GLY C 70 -22.31 10.48 3.68
N TRP C 71 -23.28 9.95 2.97
CA TRP C 71 -23.53 10.35 1.61
C TRP C 71 -24.78 11.19 1.60
N SER C 72 -24.81 12.24 0.78
CA SER C 72 -26.04 12.96 0.54
C SER C 72 -26.02 13.56 -0.84
N SER C 73 -27.22 13.82 -1.36
CA SER C 73 -27.41 14.20 -2.76
C SER C 73 -26.57 15.43 -3.19
N SER C 74 -26.19 15.51 -4.45
CA SER C 74 -25.30 16.56 -4.87
C SER C 74 -25.39 16.87 -6.32
N LEU C 75 -24.94 18.06 -6.66
CA LEU C 75 -24.87 18.53 -8.03
C LEU C 75 -23.50 19.14 -8.14
N ILE C 76 -22.62 18.49 -8.90
CA ILE C 76 -21.22 18.90 -8.96
C ILE C 76 -20.80 19.00 -10.42
N GLU C 77 -20.98 20.20 -10.96
CA GLU C 77 -20.56 20.58 -12.30
C GLU C 77 -20.78 19.62 -13.48
N GLY C 78 -21.98 19.49 -14.04
CA GLY C 78 -23.24 19.58 -13.36
C GLY C 78 -23.62 18.09 -13.33
N GLN C 79 -22.95 17.33 -12.49
CA GLN C 79 -23.27 15.90 -12.38
C GLN C 79 -24.08 15.65 -11.11
N ARG C 80 -25.28 15.12 -11.30
CA ARG C 80 -26.11 14.81 -10.14
C ARG C 80 -25.69 13.48 -9.55
N GLY C 81 -25.59 13.42 -8.23
CA GLY C 81 -25.16 12.20 -7.57
C GLY C 81 -25.29 12.31 -6.05
N VAL C 82 -24.45 11.57 -5.34
CA VAL C 82 -24.32 11.73 -3.90
C VAL C 82 -22.85 11.93 -3.55
N TYR C 83 -22.64 12.63 -2.45
CA TYR C 83 -21.35 13.18 -2.13
C TYR C 83 -21.01 12.87 -0.69
N ARG C 84 -19.73 12.67 -0.45
CA ARG C 84 -19.24 12.46 0.88
C ARG C 84 -17.91 13.16 0.99
N GLN C 85 -17.67 13.77 2.13
CA GLN C 85 -16.46 14.54 2.34
C GLN C 85 -15.37 13.62 2.82
N GLY C 86 -14.12 14.01 2.63
CA GLY C 86 -13.02 13.28 3.21
C GLY C 86 -11.77 13.23 2.34
N GLU C 87 -10.64 13.00 2.97
CA GLU C 87 -9.38 12.91 2.25
C GLU C 87 -8.87 11.49 2.28
N GLU C 88 -9.62 10.62 2.98
CA GLU C 88 -9.19 9.25 3.15
C GLU C 88 -9.13 8.51 1.81
N LYS C 89 -8.45 7.37 1.81
CA LYS C 89 -8.16 6.65 0.58
C LYS C 89 -9.40 5.97 0.00
N GLN C 90 -10.30 5.54 0.85
CA GLN C 90 -11.45 4.82 0.35
C GLN C 90 -12.72 5.15 1.10
N ALA C 91 -13.85 5.02 0.44
CA ALA C 91 -15.13 5.17 1.12
C ALA C 91 -16.08 4.02 0.72
N ILE C 92 -16.93 3.60 1.67
CA ILE C 92 -17.93 2.56 1.47
C ILE C 92 -19.30 3.20 1.13
N PHE C 93 -20.08 2.53 0.29
CA PHE C 93 -21.44 2.95 0.01
C PHE C 93 -22.31 1.77 -0.35
N ASP C 94 -23.62 2.00 -0.33
CA ASP C 94 -24.59 0.95 -0.63
C ASP C 94 -25.43 1.33 -1.80
N ILE C 95 -25.90 0.31 -2.50
CA ILE C 95 -27.05 0.47 -3.38
C ILE C 95 -28.22 -0.19 -2.65
N MET C 96 -29.26 0.57 -2.42
CA MET C 96 -30.35 0.13 -1.59
C MET C 96 -31.66 0.08 -2.36
N SER C 97 -32.59 -0.72 -1.85
CA SER C 97 -33.95 -0.76 -2.40
C SER C 97 -34.67 0.56 -2.11
N ASP C 98 -35.24 1.16 -3.13
CA ASP C 98 -35.92 2.46 -2.93
C ASP C 98 -37.43 2.24 -2.75
N GLY C 99 -37.85 1.99 -1.51
CA GLY C 99 -39.22 1.63 -1.21
C GLY C 99 -39.42 0.13 -1.06
N ASN C 100 -40.54 -0.25 -0.45
CA ASN C 100 -40.95 -1.65 -0.41
C ASN C 100 -41.40 -2.01 -1.81
N GLN C 101 -40.95 -3.16 -2.29
CA GLN C 101 -41.29 -3.60 -3.63
C GLN C 101 -41.15 -5.11 -3.75
N TYR C 102 -42.01 -5.70 -4.56
CA TYR C 102 -41.96 -7.13 -4.82
C TYR C 102 -41.44 -7.24 -6.24
N SER C 103 -40.19 -7.65 -6.40
CA SER C 103 -39.53 -7.54 -7.70
C SER C 103 -39.44 -8.86 -8.45
N ALA C 104 -39.54 -8.78 -9.76
CA ALA C 104 -39.40 -9.98 -10.55
C ALA C 104 -37.94 -10.44 -10.49
N PRO C 105 -37.72 -11.72 -10.20
CA PRO C 105 -36.40 -12.35 -10.21
C PRO C 105 -35.66 -12.16 -11.52
N GLY C 106 -34.33 -12.32 -11.49
CA GLY C 106 -33.49 -12.10 -12.66
C GLY C 106 -32.46 -10.99 -12.47
N GLU C 107 -31.79 -10.64 -13.56
CA GLU C 107 -30.66 -9.69 -13.53
C GLU C 107 -31.07 -8.26 -13.86
N TYR C 108 -30.65 -7.33 -13.03
CA TYR C 108 -30.80 -5.90 -13.31
C TYR C 108 -29.40 -5.34 -13.42
N ILE C 109 -28.94 -5.14 -14.65
CA ILE C 109 -27.56 -4.76 -14.90
C ILE C 109 -27.43 -3.29 -15.18
N PHE C 110 -26.55 -2.59 -14.45
CA PHE C 110 -26.32 -1.16 -14.67
C PHE C 110 -24.91 -0.81 -14.22
N SER C 111 -24.48 0.42 -14.46
CA SER C 111 -23.16 0.84 -14.02
C SER C 111 -23.19 1.97 -13.02
N VAL C 112 -22.12 2.05 -12.25
CA VAL C 112 -21.89 3.11 -11.29
C VAL C 112 -20.64 3.92 -11.65
N SER C 113 -20.71 5.23 -11.51
CA SER C 113 -19.53 6.05 -11.80
C SER C 113 -19.17 6.83 -10.56
N GLY C 114 -17.98 7.42 -10.55
CA GLY C 114 -17.52 8.20 -9.42
C GLY C 114 -16.16 8.85 -9.66
N GLU C 115 -15.86 9.87 -8.87
CA GLU C 115 -14.64 10.66 -8.97
C GLU C 115 -14.12 11.01 -7.58
N CYS C 116 -12.81 11.18 -7.50
CA CYS C 116 -12.24 11.70 -6.27
C CYS C 116 -11.98 13.17 -6.48
N LEU C 117 -12.76 14.03 -5.83
CA LEU C 117 -12.71 15.48 -6.08
C LEU C 117 -11.39 16.07 -5.63
N ILE C 118 -10.94 17.11 -6.34
CA ILE C 118 -9.67 17.76 -5.99
C ILE C 118 -9.75 19.28 -5.81
N SER C 119 -8.98 19.78 -4.85
CA SER C 119 -8.71 21.21 -4.72
C SER C 119 -7.36 21.58 -5.35
N GLN C 125 -8.29 29.12 -3.34
CA GLN C 125 -8.66 27.72 -3.10
C GLN C 125 -9.93 27.33 -3.85
N ALA C 126 -9.80 26.36 -4.74
CA ALA C 126 -10.97 25.87 -5.47
C ALA C 126 -11.17 24.38 -5.20
N LEU C 127 -12.21 23.82 -5.82
CA LEU C 127 -12.50 22.40 -5.72
C LEU C 127 -12.98 22.04 -7.09
N GLU C 128 -12.67 20.84 -7.53
CA GLU C 128 -12.74 20.54 -8.95
C GLU C 128 -12.98 19.06 -9.25
N ARG C 129 -13.68 18.79 -10.34
CA ARG C 129 -13.78 17.43 -10.85
C ARG C 129 -12.47 17.07 -11.56
N PRO C 130 -11.93 15.89 -11.24
CA PRO C 130 -10.73 15.32 -11.88
C PRO C 130 -11.05 15.03 -13.33
N PRO C 131 -10.02 14.86 -14.17
CA PRO C 131 -10.26 14.60 -15.60
C PRO C 131 -10.78 13.19 -15.89
N ILE C 132 -10.53 12.23 -15.03
CA ILE C 132 -11.04 10.86 -15.24
C ILE C 132 -12.06 10.36 -14.21
N LYS C 133 -13.11 9.72 -14.72
CA LYS C 133 -14.10 9.05 -13.87
C LYS C 133 -14.00 7.52 -13.98
N ALA C 134 -14.14 6.86 -12.83
CA ALA C 134 -14.32 5.41 -12.82
C ALA C 134 -15.75 5.03 -13.23
N THR C 135 -15.87 3.85 -13.81
CA THR C 135 -17.16 3.23 -14.07
C THR C 135 -17.07 1.72 -13.87
N GLU C 136 -17.96 1.15 -13.07
CA GLU C 136 -18.04 -0.31 -12.93
C GLU C 136 -19.44 -0.81 -13.13
N THR C 137 -19.55 -2.04 -13.61
CA THR C 137 -20.85 -2.57 -13.90
C THR C 137 -21.24 -3.54 -12.80
N ILE C 138 -22.52 -3.51 -12.41
CA ILE C 138 -22.97 -4.52 -11.49
C ILE C 138 -24.16 -5.32 -12.03
N ARG C 139 -24.16 -6.61 -11.72
CA ARG C 139 -25.29 -7.46 -12.03
C ARG C 139 -26.04 -7.75 -10.72
N LEU C 140 -27.17 -7.08 -10.57
CA LEU C 140 -28.00 -7.24 -9.39
C LEU C 140 -28.96 -8.36 -9.68
N THR C 141 -28.90 -9.43 -8.89
CA THR C 141 -29.79 -10.57 -9.06
C THR C 141 -30.92 -10.65 -8.05
N VAL C 142 -32.16 -10.60 -8.53
CA VAL C 142 -33.32 -10.76 -7.65
C VAL C 142 -33.84 -12.21 -7.64
N ALA D 1 12.38 -10.74 -15.05
CA ALA D 1 11.05 -10.17 -14.95
C ALA D 1 10.79 -9.16 -16.06
N GLU D 2 11.70 -8.22 -16.24
CA GLU D 2 11.51 -7.23 -17.30
C GLU D 2 12.75 -7.06 -18.18
N ILE D 3 12.58 -7.19 -19.50
CA ILE D 3 13.70 -6.99 -20.40
C ILE D 3 13.53 -5.80 -21.37
N THR D 4 14.54 -4.95 -21.45
CA THR D 4 14.53 -3.90 -22.48
C THR D 4 15.74 -4.07 -23.41
N LEU D 5 15.52 -3.91 -24.71
CA LEU D 5 16.59 -4.02 -25.68
C LEU D 5 16.65 -2.75 -26.52
N ILE D 6 17.81 -2.11 -26.52
CA ILE D 6 18.05 -0.94 -27.36
C ILE D 6 19.18 -1.22 -28.34
N SER D 7 18.92 -1.04 -29.62
CA SER D 7 19.99 -1.29 -30.56
C SER D 7 20.80 -0.07 -30.90
N HIS D 8 22.11 -0.30 -30.91
CA HIS D 8 23.07 0.69 -31.36
C HIS D 8 22.75 1.13 -32.81
N THR D 10 21.38 1.33 -36.97
CA THR D 10 22.11 0.96 -38.18
C THR D 10 23.60 0.73 -37.94
N LEU D 11 23.97 -0.54 -38.01
CA LEU D 11 25.27 -0.99 -37.56
C LEU D 11 26.35 -0.95 -38.66
N GLY D 12 25.96 -1.11 -39.92
CA GLY D 12 26.94 -1.21 -40.98
C GLY D 12 27.37 -2.66 -41.17
N SER D 13 27.81 -3.00 -42.38
CA SER D 13 28.05 -4.40 -42.73
C SER D 13 29.31 -5.00 -42.12
N GLN D 14 30.30 -4.16 -41.84
CA GLN D 14 31.55 -4.63 -41.28
C GLN D 14 31.48 -4.82 -39.76
N LEU D 15 31.36 -6.06 -39.30
CA LEU D 15 31.22 -6.32 -37.87
C LEU D 15 32.45 -6.98 -37.25
N ARG D 16 33.16 -6.25 -36.39
CA ARG D 16 34.37 -6.75 -35.71
C ARG D 16 33.96 -7.67 -34.57
N ASP D 17 34.87 -8.58 -34.16
CA ASP D 17 34.56 -9.50 -33.07
C ASP D 17 34.24 -8.77 -31.79
N GLY D 18 33.12 -9.15 -31.16
CA GLY D 18 32.74 -8.59 -29.88
C GLY D 18 32.23 -7.17 -29.94
N MET D 19 31.88 -6.72 -31.14
CA MET D 19 31.27 -5.41 -31.35
C MET D 19 29.83 -5.37 -30.80
N LYS D 20 29.53 -4.34 -30.02
CA LYS D 20 28.20 -4.13 -29.44
C LYS D 20 27.19 -3.90 -30.54
N LEU D 21 26.15 -4.70 -30.60
CA LEU D 21 25.12 -4.52 -31.62
C LEU D 21 23.84 -4.02 -30.96
N ALA D 22 23.67 -4.33 -29.68
CA ALA D 22 22.50 -3.93 -28.95
C ALA D 22 22.86 -4.03 -27.49
N THR D 23 22.17 -3.22 -26.68
CA THR D 23 22.31 -3.22 -25.23
C THR D 23 21.00 -3.67 -24.62
N GLY D 24 21.06 -4.50 -23.58
CA GLY D 24 19.89 -5.03 -22.95
C GLY D 24 19.91 -4.85 -21.45
N ARG D 25 18.72 -4.76 -20.85
CA ARG D 25 18.65 -4.75 -19.40
C ARG D 25 17.58 -5.71 -18.89
N ILE D 26 17.91 -6.43 -17.83
CA ILE D 26 16.92 -7.27 -17.22
C ILE D 26 16.70 -6.75 -15.82
N ALA D 27 15.43 -6.53 -15.48
CA ALA D 27 15.04 -5.99 -14.18
C ALA D 27 14.16 -6.97 -13.43
N CYS D 28 14.46 -7.12 -12.15
CA CYS D 28 13.78 -8.08 -11.29
C CYS D 28 13.10 -7.33 -10.15
N ARG D 29 11.81 -7.60 -9.93
CA ARG D 29 11.09 -6.99 -8.81
C ARG D 29 11.32 -7.79 -7.54
N GLU D 30 10.64 -8.93 -7.51
CA GLU D 30 10.74 -9.94 -6.46
C GLU D 30 12.18 -10.13 -5.99
N PRO D 31 12.38 -10.50 -4.71
CA PRO D 31 13.74 -10.85 -4.27
C PRO D 31 14.26 -12.01 -5.13
N HIS D 32 15.55 -12.01 -5.42
CA HIS D 32 16.08 -13.06 -6.28
C HIS D 32 17.56 -13.24 -6.12
N ASP D 33 18.03 -14.40 -6.55
CA ASP D 33 19.44 -14.74 -6.46
C ASP D 33 19.95 -15.07 -7.85
N GLY D 34 20.45 -14.06 -8.55
CA GLY D 34 21.04 -14.29 -9.85
C GLY D 34 20.12 -14.03 -11.03
N PHE D 35 20.74 -13.82 -12.19
CA PHE D 35 20.04 -13.54 -13.43
C PHE D 35 20.36 -14.60 -14.43
N HIS D 36 19.56 -14.65 -15.48
CA HIS D 36 19.60 -15.78 -16.35
C HIS D 36 19.05 -15.31 -17.71
N ILE D 37 19.86 -15.27 -18.78
CA ILE D 37 19.32 -14.81 -20.07
C ILE D 37 19.74 -15.63 -21.28
N TRP D 38 19.00 -15.52 -22.37
CA TRP D 38 19.35 -16.24 -23.58
C TRP D 38 18.65 -15.72 -24.79
N ILE D 39 19.20 -16.06 -25.95
CA ILE D 39 18.56 -15.68 -27.21
C ILE D 39 17.79 -16.88 -27.74
N ASN D 40 16.56 -16.68 -28.19
CA ASN D 40 15.80 -17.75 -28.83
C ASN D 40 16.17 -17.90 -30.33
N ALA D 41 17.34 -18.47 -30.58
CA ALA D 41 17.83 -18.72 -31.92
C ALA D 41 18.67 -20.00 -31.90
N SER D 42 19.05 -20.50 -33.07
CA SER D 42 19.82 -21.73 -33.10
C SER D 42 21.22 -21.49 -32.56
N GLN D 43 21.62 -22.29 -31.57
CA GLN D 43 22.98 -22.22 -31.05
C GLN D 43 23.95 -22.50 -32.17
N ASN D 44 25.09 -21.86 -32.08
CA ASN D 44 26.06 -21.82 -33.13
C ASN D 44 27.41 -21.94 -32.45
N GLY D 45 27.82 -23.19 -32.23
CA GLY D 45 29.05 -23.44 -31.50
C GLY D 45 28.76 -23.50 -30.02
N LYS D 46 29.52 -22.74 -29.24
CA LYS D 46 29.36 -22.73 -27.80
C LYS D 46 28.02 -22.15 -27.31
N VAL D 47 27.80 -22.30 -26.01
CA VAL D 47 26.59 -21.80 -25.38
C VAL D 47 26.58 -20.28 -25.33
N GLY D 48 25.50 -19.69 -25.80
CA GLY D 48 25.34 -18.24 -25.77
C GLY D 48 25.84 -17.67 -27.08
N HIS D 49 25.99 -18.53 -28.09
CA HIS D 49 26.43 -18.08 -29.40
C HIS D 49 25.40 -18.57 -30.38
N TYR D 50 25.01 -17.71 -31.32
CA TYR D 50 23.84 -18.00 -32.12
C TYR D 50 24.00 -17.54 -33.55
N ILE D 51 23.17 -18.09 -34.41
CA ILE D 51 23.03 -17.60 -35.77
C ILE D 51 21.62 -17.09 -35.90
N VAL D 52 21.50 -15.95 -36.57
CA VAL D 52 20.22 -15.35 -36.89
C VAL D 52 20.22 -15.10 -38.38
N GLN D 53 19.07 -15.30 -38.98
CA GLN D 53 18.88 -15.20 -40.42
C GLN D 53 18.22 -13.86 -40.70
N ASN D 54 18.63 -13.22 -41.80
CA ASN D 54 18.02 -12.00 -42.32
C ASN D 54 16.55 -12.22 -42.67
N ASN D 55 15.79 -11.13 -42.80
CA ASN D 55 14.38 -11.21 -43.17
C ASN D 55 14.16 -11.26 -44.69
N ARG D 56 15.05 -11.98 -45.35
CA ARG D 56 14.90 -12.39 -46.73
C ARG D 56 15.56 -13.77 -46.89
N HIS D 60 20.68 -14.13 -45.88
CA HIS D 60 22.00 -14.18 -45.25
C HIS D 60 21.89 -14.29 -43.71
N GLU D 61 23.01 -14.58 -43.06
CA GLU D 61 22.99 -14.86 -41.63
C GLU D 61 23.87 -13.88 -40.84
N LEU D 62 23.59 -13.77 -39.54
CA LEU D 62 24.38 -12.93 -38.64
C LEU D 62 24.83 -13.78 -37.46
N LYS D 63 26.10 -13.65 -37.08
CA LYS D 63 26.62 -14.39 -35.94
C LYS D 63 26.69 -13.50 -34.70
N VAL D 64 25.96 -13.91 -33.65
CA VAL D 64 25.92 -13.10 -32.45
C VAL D 64 26.14 -13.95 -31.21
N LYS D 65 26.63 -13.32 -30.16
CA LYS D 65 26.69 -13.93 -28.83
C LYS D 65 26.09 -12.98 -27.80
N ILE D 66 25.80 -13.50 -26.59
CA ILE D 66 25.15 -12.67 -25.58
C ILE D 66 25.90 -12.71 -24.27
N GLY D 67 26.00 -11.56 -23.62
CA GLY D 67 26.55 -11.52 -22.28
C GLY D 67 27.44 -10.32 -22.02
N GLY D 68 28.73 -10.59 -21.86
CA GLY D 68 29.73 -9.54 -21.78
C GLY D 68 30.26 -9.26 -20.40
N GLY D 69 30.22 -10.21 -19.51
CA GLY D 69 30.88 -9.97 -18.24
C GLY D 69 30.11 -9.08 -17.28
N GLY D 70 30.08 -9.50 -16.03
CA GLY D 70 30.38 -10.86 -15.71
C GLY D 70 29.13 -11.69 -15.98
N TRP D 71 28.94 -12.05 -17.24
CA TRP D 71 27.99 -13.06 -17.64
C TRP D 71 28.80 -14.28 -18.03
N SER D 72 28.37 -15.46 -17.59
CA SER D 72 29.01 -16.73 -17.93
C SER D 72 28.01 -17.75 -18.46
N SER D 73 28.46 -18.57 -19.41
CA SER D 73 27.59 -19.55 -20.07
C SER D 73 26.99 -20.51 -19.01
N SER D 74 25.81 -21.02 -19.24
CA SER D 74 25.12 -21.73 -18.17
C SER D 74 24.04 -22.66 -18.69
N LEU D 75 23.84 -23.76 -17.97
CA LEU D 75 22.71 -24.63 -18.21
C LEU D 75 21.93 -24.66 -16.92
N ILE D 76 20.72 -24.08 -16.95
CA ILE D 76 19.92 -23.98 -15.74
C ILE D 76 18.59 -24.68 -16.03
N GLU D 77 18.47 -25.87 -15.45
CA GLU D 77 17.84 -27.01 -16.13
C GLU D 77 16.43 -26.77 -16.61
N GLY D 78 16.22 -26.99 -17.90
CA GLY D 78 17.31 -27.32 -18.81
C GLY D 78 17.43 -26.22 -19.85
N GLN D 79 17.71 -25.00 -19.39
CA GLN D 79 17.80 -23.86 -20.30
C GLN D 79 19.26 -23.38 -20.51
N ARG D 80 19.74 -23.47 -21.74
CA ARG D 80 21.06 -22.91 -22.06
C ARG D 80 20.98 -21.40 -22.21
N GLY D 81 21.90 -20.71 -21.56
CA GLY D 81 21.96 -19.28 -21.71
C GLY D 81 23.24 -18.73 -21.13
N VAL D 82 23.21 -17.50 -20.65
CA VAL D 82 24.31 -16.98 -19.88
C VAL D 82 23.74 -16.42 -18.60
N TYR D 83 24.59 -16.24 -17.61
CA TYR D 83 24.17 -16.16 -16.23
C TYR D 83 25.03 -15.22 -15.39
N ARG D 84 24.40 -14.57 -14.43
CA ARG D 84 25.07 -13.58 -13.60
C ARG D 84 24.62 -13.71 -12.16
N GLN D 85 25.60 -13.65 -11.26
CA GLN D 85 25.40 -13.76 -9.83
C GLN D 85 24.89 -12.45 -9.29
N GLY D 86 24.04 -12.51 -8.25
CA GLY D 86 23.65 -11.31 -7.55
C GLY D 86 22.24 -11.29 -6.98
N GLU D 87 21.92 -10.20 -6.27
CA GLU D 87 20.56 -9.95 -5.78
C GLU D 87 20.11 -8.55 -6.19
N GLU D 88 21.00 -7.83 -6.88
CA GLU D 88 20.65 -6.53 -7.46
C GLU D 88 19.40 -6.60 -8.36
N LYS D 89 18.83 -5.44 -8.69
CA LYS D 89 17.47 -5.42 -9.23
C LYS D 89 17.46 -5.41 -10.74
N GLN D 90 18.44 -4.73 -11.35
CA GLN D 90 18.67 -4.89 -12.77
C GLN D 90 20.12 -5.24 -13.05
N ALA D 91 20.34 -5.85 -14.21
CA ALA D 91 21.68 -6.03 -14.76
C ALA D 91 21.67 -5.71 -16.26
N ILE D 92 22.79 -5.22 -16.75
CA ILE D 92 22.92 -4.80 -18.14
C ILE D 92 23.66 -5.90 -18.90
N PHE D 93 23.32 -6.10 -20.17
CA PHE D 93 24.06 -7.06 -20.98
C PHE D 93 24.14 -6.58 -22.41
N ASP D 94 25.03 -7.19 -23.19
CA ASP D 94 25.17 -6.83 -24.60
C ASP D 94 24.80 -7.96 -25.52
N ILE D 95 24.37 -7.62 -26.72
CA ILE D 95 24.38 -8.57 -27.80
C ILE D 95 25.57 -8.18 -28.68
N MET D 96 26.46 -9.14 -28.96
CA MET D 96 27.71 -8.82 -29.69
C MET D 96 27.91 -9.59 -30.97
N SER D 97 28.67 -9.00 -31.88
CA SER D 97 29.09 -9.71 -33.08
C SER D 97 29.94 -10.86 -32.62
N ASP D 98 29.60 -12.06 -33.06
CA ASP D 98 30.39 -13.23 -32.72
C ASP D 98 31.41 -13.51 -33.84
N GLY D 99 32.59 -12.92 -33.73
CA GLY D 99 33.63 -13.02 -34.75
C GLY D 99 33.58 -11.92 -35.80
N ASN D 100 34.66 -11.75 -36.55
CA ASN D 100 34.65 -10.79 -37.68
C ASN D 100 33.73 -11.29 -38.79
N GLN D 101 32.83 -10.44 -39.24
CA GLN D 101 31.95 -10.85 -40.32
C GLN D 101 31.54 -9.65 -41.13
N TYR D 102 31.15 -9.89 -42.37
CA TYR D 102 30.70 -8.84 -43.25
C TYR D 102 29.29 -9.22 -43.56
N SER D 103 28.34 -8.37 -43.18
CA SER D 103 26.97 -8.82 -43.14
C SER D 103 26.10 -8.09 -44.15
N ALA D 104 25.16 -8.80 -44.74
CA ALA D 104 24.23 -8.17 -45.68
C ALA D 104 23.31 -7.22 -44.93
N PRO D 105 23.23 -5.96 -45.35
CA PRO D 105 22.34 -4.95 -44.75
C PRO D 105 20.91 -5.44 -44.46
N GLY D 106 20.25 -4.83 -43.50
CA GLY D 106 18.85 -5.14 -43.29
C GLY D 106 18.50 -5.59 -41.90
N GLU D 107 17.41 -6.32 -41.80
CA GLU D 107 16.88 -6.59 -40.48
C GLU D 107 17.12 -8.03 -40.10
N TYR D 108 17.55 -8.22 -38.87
CA TYR D 108 17.71 -9.54 -38.31
C TYR D 108 16.89 -9.43 -37.05
N ILE D 109 15.83 -10.22 -36.97
CA ILE D 109 14.88 -10.04 -35.90
C ILE D 109 14.78 -11.28 -35.06
N PHE D 110 15.01 -11.11 -33.77
CA PHE D 110 15.00 -12.24 -32.87
C PHE D 110 14.57 -11.82 -31.47
N SER D 111 14.31 -12.77 -30.60
CA SER D 111 13.80 -12.45 -29.28
C SER D 111 14.80 -12.79 -28.19
N VAL D 112 14.67 -12.11 -27.07
CA VAL D 112 15.53 -12.39 -25.94
C VAL D 112 14.67 -12.69 -24.73
N SER D 113 14.98 -13.79 -24.06
CA SER D 113 14.22 -14.16 -22.88
C SER D 113 15.11 -14.16 -21.66
N GLY D 114 14.53 -14.24 -20.48
CA GLY D 114 15.30 -14.29 -19.26
C GLY D 114 14.49 -14.39 -17.98
N GLU D 115 15.14 -14.79 -16.90
CA GLU D 115 14.46 -15.04 -15.64
C GLU D 115 15.31 -14.54 -14.49
N CYS D 116 14.62 -14.08 -13.46
CA CYS D 116 15.23 -13.80 -12.18
C CYS D 116 15.19 -15.11 -11.39
N LEU D 117 16.34 -15.55 -10.89
CA LEU D 117 16.41 -16.81 -10.20
C LEU D 117 16.20 -16.60 -8.71
N ILE D 118 15.52 -17.56 -8.09
CA ILE D 118 15.09 -17.42 -6.71
C ILE D 118 15.75 -18.43 -5.77
N SER D 119 16.16 -17.95 -4.59
CA SER D 119 16.87 -18.78 -3.62
C SER D 119 15.90 -19.44 -2.63
N ALA D 126 17.56 -24.89 -2.36
CA ALA D 126 17.97 -23.49 -2.38
C ALA D 126 17.51 -22.76 -3.65
N LEU D 127 18.20 -22.97 -4.76
CA LEU D 127 17.99 -22.19 -6.00
C LEU D 127 17.13 -22.84 -7.10
N GLU D 128 16.22 -22.06 -7.70
CA GLU D 128 15.39 -22.56 -8.80
C GLU D 128 14.84 -21.48 -9.75
N ARG D 129 14.31 -21.92 -10.89
CA ARG D 129 13.70 -21.04 -11.87
C ARG D 129 12.30 -20.58 -11.46
N PRO D 130 11.91 -19.35 -11.85
CA PRO D 130 10.57 -18.84 -11.54
C PRO D 130 9.58 -19.41 -12.54
N PRO D 131 8.28 -19.33 -12.24
CA PRO D 131 7.26 -19.94 -13.10
C PRO D 131 7.19 -19.33 -14.50
N ILE D 132 7.49 -18.04 -14.64
CA ILE D 132 7.47 -17.41 -15.96
C ILE D 132 8.77 -16.65 -16.29
N LYS D 133 9.14 -16.63 -17.56
CA LYS D 133 10.25 -15.83 -18.07
C LYS D 133 9.74 -14.57 -18.75
N ALA D 134 10.63 -13.60 -18.94
CA ALA D 134 10.28 -12.46 -19.80
C ALA D 134 10.79 -12.70 -21.23
N THR D 135 10.22 -12.01 -22.20
CA THR D 135 10.64 -12.17 -23.59
C THR D 135 10.43 -10.90 -24.39
N GLU D 136 11.51 -10.33 -24.90
CA GLU D 136 11.37 -9.15 -25.73
C GLU D 136 11.99 -9.35 -27.07
N THR D 137 11.56 -8.53 -28.02
CA THR D 137 11.95 -8.66 -29.40
C THR D 137 12.89 -7.51 -29.74
N ILE D 138 13.93 -7.79 -30.54
CA ILE D 138 14.84 -6.75 -31.01
C ILE D 138 14.99 -6.81 -32.52
N ARG D 139 15.00 -5.65 -33.16
CA ARG D 139 15.26 -5.59 -34.58
C ARG D 139 16.69 -5.10 -34.76
N LEU D 140 17.55 -6.00 -35.21
CA LEU D 140 18.93 -5.64 -35.48
C LEU D 140 19.06 -5.17 -36.91
N THR D 141 19.46 -3.92 -37.08
CA THR D 141 19.51 -3.29 -38.39
C THR D 141 20.95 -3.15 -38.88
N VAL D 142 21.29 -3.95 -39.88
CA VAL D 142 22.61 -3.88 -40.49
C VAL D 142 22.56 -3.03 -41.74
N ALA E 1 -31.30 36.30 -5.23
CA ALA E 1 -31.27 37.74 -5.53
C ALA E 1 -31.80 38.58 -4.37
N GLU E 2 -32.81 38.09 -3.65
CA GLU E 2 -33.18 38.77 -2.41
C GLU E 2 -33.07 37.79 -1.24
N ILE E 3 -32.18 38.10 -0.30
CA ILE E 3 -32.04 37.30 0.90
C ILE E 3 -32.43 38.02 2.21
N THR E 4 -33.37 37.44 2.96
CA THR E 4 -33.60 37.93 4.32
C THR E 4 -33.06 36.94 5.37
N LEU E 5 -32.29 37.46 6.32
CA LEU E 5 -31.73 36.64 7.37
C LEU E 5 -32.37 36.95 8.73
N ILE E 6 -32.47 35.96 9.61
CA ILE E 6 -32.93 36.19 10.97
C ILE E 6 -31.97 35.57 11.96
N GLY E 12 -25.39 30.67 24.73
CA GLY E 12 -24.84 29.33 24.81
C GLY E 12 -23.34 29.34 24.61
N SER E 13 -22.71 28.20 24.86
CA SER E 13 -21.27 28.04 24.63
C SER E 13 -20.96 26.61 24.23
N GLN E 14 -22.00 25.81 24.02
CA GLN E 14 -21.86 24.44 23.57
C GLN E 14 -22.99 24.12 22.58
N LEU E 15 -22.69 23.26 21.61
CA LEU E 15 -23.71 22.70 20.71
C LEU E 15 -23.16 21.54 19.87
N ARG E 16 -24.06 20.60 19.55
CA ARG E 16 -23.79 19.53 18.59
C ARG E 16 -24.83 19.64 17.48
N ASP E 17 -24.85 18.65 16.57
CA ASP E 17 -25.93 18.52 15.58
C ASP E 17 -26.03 19.73 14.64
N MET E 19 -28.25 22.32 15.34
CA MET E 19 -29.43 23.16 15.57
C MET E 19 -29.17 24.62 15.16
N LYS E 20 -30.26 25.39 15.04
CA LYS E 20 -30.26 26.76 14.57
C LYS E 20 -29.19 27.70 15.15
N LEU E 21 -28.86 28.75 14.37
CA LEU E 21 -28.03 29.88 14.78
C LEU E 21 -28.55 31.11 14.06
N ALA E 22 -29.06 30.89 12.86
CA ALA E 22 -29.77 31.91 12.11
C ALA E 22 -30.63 31.20 11.08
N THR E 23 -31.63 31.91 10.57
CA THR E 23 -32.45 31.31 9.53
C THR E 23 -32.68 32.32 8.43
N GLY E 24 -33.10 31.86 7.26
CA GLY E 24 -33.18 32.79 6.15
C GLY E 24 -34.02 32.39 4.98
N ARG E 25 -34.31 33.37 4.14
CA ARG E 25 -34.99 33.09 2.90
C ARG E 25 -34.28 33.74 1.71
N ILE E 26 -34.25 33.04 0.60
CA ILE E 26 -33.80 33.61 -0.64
C ILE E 26 -35.03 33.67 -1.51
N ALA E 27 -35.29 34.84 -2.09
CA ALA E 27 -36.43 35.00 -2.98
C ALA E 27 -35.94 35.36 -4.36
N CYS E 28 -36.63 34.87 -5.37
CA CYS E 28 -36.24 35.12 -6.74
C CYS E 28 -37.46 35.58 -7.49
N ARG E 29 -37.51 36.87 -7.80
CA ARG E 29 -38.66 37.48 -8.43
C ARG E 29 -38.86 37.02 -9.88
N GLU E 30 -37.79 37.02 -10.66
CA GLU E 30 -37.89 36.65 -12.08
C GLU E 30 -37.98 35.15 -12.23
N PRO E 31 -38.53 34.70 -13.37
CA PRO E 31 -38.46 33.30 -13.77
C PRO E 31 -37.04 32.74 -13.61
N HIS E 32 -36.95 31.54 -13.01
CA HIS E 32 -35.67 30.92 -12.71
C HIS E 32 -35.90 29.43 -12.52
N ASP E 33 -34.80 28.68 -12.34
CA ASP E 33 -34.90 27.23 -12.24
C ASP E 33 -34.45 26.65 -10.89
N GLY E 34 -33.66 27.40 -10.12
CA GLY E 34 -33.18 26.91 -8.84
C GLY E 34 -32.55 27.93 -7.91
N PHE E 35 -32.03 27.47 -6.78
CA PHE E 35 -31.41 28.38 -5.83
C PHE E 35 -30.06 27.83 -5.43
N HIS E 36 -29.26 28.65 -4.81
CA HIS E 36 -27.85 28.43 -4.79
C HIS E 36 -27.41 29.37 -3.70
N ILE E 37 -26.92 28.87 -2.57
CA ILE E 37 -26.49 29.73 -1.48
C ILE E 37 -25.22 29.21 -0.85
N TRP E 38 -24.49 30.08 -0.16
CA TRP E 38 -23.32 29.63 0.58
C TRP E 38 -22.97 30.60 1.68
N ILE E 39 -21.92 30.28 2.43
CA ILE E 39 -21.31 31.20 3.37
C ILE E 39 -19.94 31.62 2.83
N ASN E 40 -19.57 32.88 3.04
CA ASN E 40 -18.24 33.33 2.68
C ASN E 40 -17.36 33.25 3.91
N ALA E 41 -16.65 32.13 4.00
CA ALA E 41 -15.79 31.83 5.12
C ALA E 41 -14.93 30.65 4.66
N SER E 42 -13.94 30.25 5.45
CA SER E 42 -13.06 29.13 5.09
C SER E 42 -13.80 27.79 5.09
N GLN E 43 -13.40 26.89 4.19
CA GLN E 43 -14.08 25.58 4.13
C GLN E 43 -13.14 24.42 4.37
N HIS E 49 -20.26 23.58 4.79
CA HIS E 49 -19.46 23.40 5.99
C HIS E 49 -18.29 24.37 6.05
N TYR E 50 -18.27 25.20 7.07
CA TYR E 50 -17.27 26.24 7.13
C TYR E 50 -16.72 26.36 8.53
N ILE E 51 -15.67 27.17 8.64
CA ILE E 51 -15.09 27.50 9.92
C ILE E 51 -15.05 29.01 9.95
N VAL E 52 -15.77 29.61 10.87
CA VAL E 52 -15.77 31.07 10.94
C VAL E 52 -14.83 31.50 12.05
N GLN E 53 -13.90 32.38 11.69
CA GLN E 53 -12.85 32.82 12.59
C GLN E 53 -13.37 33.75 13.70
N ASN E 54 -12.85 33.58 14.91
CA ASN E 54 -13.25 34.43 16.01
C ASN E 54 -12.82 35.85 15.74
N ASN E 55 -13.44 36.81 16.43
CA ASN E 55 -13.00 38.20 16.33
C ASN E 55 -12.32 38.63 17.62
N ARG E 56 -11.51 39.70 17.54
CA ARG E 56 -10.75 40.21 18.69
C ARG E 56 -9.79 39.16 19.25
N LYS E 59 -9.17 33.67 18.64
CA LYS E 59 -8.27 32.60 18.23
C LYS E 59 -9.04 31.33 17.90
N HIS E 60 -10.19 31.14 18.55
CA HIS E 60 -10.98 29.92 18.39
C HIS E 60 -11.88 29.87 17.15
N GLU E 61 -12.22 28.65 16.76
CA GLU E 61 -12.92 28.41 15.51
C GLU E 61 -14.31 27.78 15.65
N LEU E 62 -15.32 28.59 15.34
CA LEU E 62 -16.72 28.20 15.40
C LEU E 62 -17.14 27.50 14.10
N LYS E 63 -17.50 26.23 14.19
CA LYS E 63 -17.92 25.49 12.99
C LYS E 63 -19.40 25.63 12.68
N VAL E 64 -19.70 25.91 11.41
CA VAL E 64 -21.07 26.07 10.96
C VAL E 64 -21.29 25.32 9.66
N LYS E 65 -22.55 25.06 9.34
CA LYS E 65 -22.94 24.55 8.04
C LYS E 65 -24.21 25.25 7.61
N ILE E 66 -24.55 25.17 6.34
CA ILE E 66 -25.68 25.89 5.80
C ILE E 66 -26.56 24.96 5.00
N GLY E 67 -27.87 25.19 5.10
CA GLY E 67 -28.83 24.45 4.31
C GLY E 67 -30.03 23.96 5.08
N GLY E 68 -30.24 22.64 5.08
CA GLY E 68 -31.40 22.04 5.70
C GLY E 68 -32.09 20.96 4.88
N GLY E 69 -31.39 20.42 3.88
CA GLY E 69 -31.80 19.12 3.34
C GLY E 69 -33.08 19.00 2.52
N GLY E 70 -33.77 20.10 2.28
CA GLY E 70 -34.37 20.27 0.98
C GLY E 70 -33.27 20.92 0.14
N TRP E 71 -32.07 21.02 0.72
CA TRP E 71 -30.87 21.55 0.07
C TRP E 71 -29.80 20.46 -0.21
N SER E 72 -29.10 20.57 -1.33
CA SER E 72 -28.06 19.60 -1.72
C SER E 72 -26.69 20.26 -1.97
N SER E 73 -25.64 19.64 -1.43
CA SER E 73 -24.24 20.03 -1.67
C SER E 73 -23.99 20.35 -3.14
N SER E 74 -23.34 21.49 -3.41
CA SER E 74 -23.32 21.98 -4.78
C SER E 74 -21.99 22.62 -5.18
N LEU E 75 -21.58 22.36 -6.43
CA LEU E 75 -20.43 23.01 -7.08
C LEU E 75 -20.90 23.48 -8.47
N ILE E 76 -21.11 24.78 -8.61
CA ILE E 76 -21.70 25.33 -9.83
C ILE E 76 -20.77 26.44 -10.30
N GLU E 77 -20.24 26.25 -11.50
CA GLU E 77 -19.02 26.89 -11.95
C GLU E 77 -17.72 26.50 -11.15
N GLY E 78 -17.04 27.32 -10.36
CA GLY E 78 -17.51 28.48 -9.70
C GLY E 78 -17.54 27.96 -8.29
N GLN E 79 -18.75 27.97 -7.78
CA GLN E 79 -18.97 28.23 -6.38
C GLN E 79 -19.43 26.94 -5.69
N ARG E 80 -18.75 26.59 -4.61
CA ARG E 80 -19.33 25.57 -3.76
C ARG E 80 -20.36 26.16 -2.77
N GLY E 81 -21.23 25.30 -2.25
CA GLY E 81 -22.33 25.72 -1.38
C GLY E 81 -23.46 24.73 -1.58
N VAL E 82 -24.70 25.08 -1.25
CA VAL E 82 -25.78 24.12 -1.42
C VAL E 82 -26.82 24.68 -2.38
N TYR E 83 -27.58 23.80 -3.02
CA TYR E 83 -28.58 24.22 -3.98
C TYR E 83 -29.93 23.48 -3.81
N ARG E 84 -30.95 23.96 -4.51
CA ARG E 84 -32.26 23.36 -4.58
C ARG E 84 -32.79 23.64 -5.98
N GLN E 85 -33.24 22.60 -6.69
CA GLN E 85 -33.94 22.80 -7.96
C GLN E 85 -35.32 23.38 -7.67
N GLY E 86 -35.80 24.32 -8.48
CA GLY E 86 -37.16 24.82 -8.28
C GLY E 86 -37.57 26.11 -8.98
N GLU E 87 -38.81 26.11 -9.46
CA GLU E 87 -39.35 27.30 -10.15
C GLU E 87 -40.05 28.24 -9.20
N GLU E 88 -40.28 27.77 -7.98
CA GLU E 88 -40.95 28.60 -6.98
C GLU E 88 -40.12 29.81 -6.62
N LYS E 89 -40.76 30.69 -5.85
CA LYS E 89 -40.32 32.04 -5.59
C LYS E 89 -39.33 32.13 -4.47
N GLN E 90 -39.61 31.40 -3.41
CA GLN E 90 -38.89 31.57 -2.16
C GLN E 90 -38.32 30.24 -1.77
N ALA E 91 -37.31 30.28 -0.92
CA ALA E 91 -36.79 29.06 -0.33
C ALA E 91 -36.13 29.43 0.98
N ILE E 92 -36.48 28.66 2.01
CA ILE E 92 -35.98 28.87 3.36
C ILE E 92 -34.73 28.04 3.64
N PHE E 93 -33.81 28.56 4.45
CA PHE E 93 -32.64 27.77 4.81
C PHE E 93 -32.20 28.07 6.23
N ASP E 94 -31.31 27.23 6.75
CA ASP E 94 -30.78 27.38 8.09
C ASP E 94 -29.29 27.62 8.08
N ILE E 95 -28.79 28.20 9.17
CA ILE E 95 -27.37 28.10 9.49
C ILE E 95 -27.24 27.34 10.81
N MET E 96 -26.63 26.17 10.73
CA MET E 96 -26.50 25.26 11.87
C MET E 96 -25.10 25.27 12.46
N SER E 97 -24.86 24.38 13.42
CA SER E 97 -23.51 24.19 13.95
C SER E 97 -22.99 22.84 13.47
N ASP E 98 -21.79 22.80 12.92
CA ASP E 98 -21.26 21.56 12.38
C ASP E 98 -20.70 20.68 13.50
N GLY E 99 -21.52 19.74 13.97
CA GLY E 99 -21.09 18.78 14.96
C GLY E 99 -20.93 19.36 16.35
N ASN E 100 -20.54 18.51 17.30
CA ASN E 100 -20.40 18.93 18.69
C ASN E 100 -19.27 19.93 18.87
N GLN E 101 -19.50 20.97 19.66
CA GLN E 101 -18.45 21.95 19.87
C GLN E 101 -18.71 22.87 21.05
N TYR E 102 -17.66 23.60 21.45
CA TYR E 102 -17.71 24.61 22.50
C TYR E 102 -17.52 25.98 21.83
N SER E 103 -17.72 27.08 22.57
CA SER E 103 -17.58 28.42 22.00
C SER E 103 -16.76 29.39 22.86
N ALA E 104 -15.65 29.88 22.30
CA ALA E 104 -14.87 30.94 22.94
C ALA E 104 -15.63 32.27 22.86
N PRO E 105 -15.22 33.28 23.66
CA PRO E 105 -15.91 34.56 23.59
C PRO E 105 -15.52 35.38 22.38
N GLY E 106 -15.95 36.63 22.33
CA GLY E 106 -15.75 37.48 21.17
C GLY E 106 -16.93 37.34 20.22
N GLU E 107 -16.87 38.06 19.10
CA GLU E 107 -17.96 38.00 18.13
C GLU E 107 -17.57 37.17 16.92
N TYR E 108 -18.58 36.72 16.19
CA TYR E 108 -18.34 35.97 14.96
C TYR E 108 -19.06 36.64 13.81
N ILE E 109 -18.31 37.00 12.78
CA ILE E 109 -18.89 37.75 11.69
C ILE E 109 -18.58 37.07 10.38
N PHE E 110 -19.64 36.75 9.64
CA PHE E 110 -19.51 36.14 8.33
C PHE E 110 -20.71 36.53 7.48
N SER E 111 -20.80 36.06 6.24
CA SER E 111 -21.93 36.42 5.43
C SER E 111 -22.47 35.29 4.58
N VAL E 112 -23.70 35.47 4.11
CA VAL E 112 -24.36 34.50 3.26
C VAL E 112 -24.58 35.08 1.88
N SER E 113 -24.23 34.35 0.83
CA SER E 113 -24.54 34.81 -0.51
C SER E 113 -25.54 33.85 -1.12
N GLY E 114 -26.11 34.23 -2.25
CA GLY E 114 -27.07 33.37 -2.92
C GLY E 114 -27.46 33.96 -4.25
N GLU E 115 -27.96 33.13 -5.15
CA GLU E 115 -28.32 33.55 -6.50
C GLU E 115 -29.46 32.69 -6.98
N CYS E 116 -30.24 33.23 -7.91
CA CYS E 116 -31.34 32.50 -8.51
C CYS E 116 -30.86 31.89 -9.80
N LEU E 117 -30.67 30.57 -9.79
CA LEU E 117 -30.13 29.83 -10.91
C LEU E 117 -31.06 29.79 -12.14
N ILE E 118 -30.46 29.88 -13.33
CA ILE E 118 -31.24 29.77 -14.56
C ILE E 118 -30.75 28.61 -15.44
N SER E 119 -31.69 27.86 -16.00
CA SER E 119 -31.32 26.81 -16.95
C SER E 119 -30.80 27.41 -18.27
N GLY E 121 -30.46 26.99 -22.02
CA GLY E 121 -29.08 26.95 -22.52
C GLY E 121 -28.60 25.56 -22.88
N ASN E 123 -30.97 23.03 -23.05
CA ASN E 123 -31.37 23.89 -21.94
C ASN E 123 -31.47 23.14 -20.60
N GLN E 125 -32.32 21.22 -17.30
CA GLN E 125 -31.79 21.07 -15.94
C GLN E 125 -30.36 21.58 -15.78
N ALA E 126 -29.81 22.16 -16.85
CA ALA E 126 -28.41 22.63 -16.84
C ALA E 126 -28.25 23.96 -16.10
N LEU E 127 -28.30 23.93 -14.77
CA LEU E 127 -28.29 25.14 -13.94
C LEU E 127 -27.05 26.04 -14.11
N GLU E 128 -27.27 27.33 -14.34
CA GLU E 128 -26.22 28.34 -14.56
C GLU E 128 -26.39 29.57 -13.67
N ARG E 129 -25.27 30.19 -13.31
CA ARG E 129 -25.25 31.44 -12.53
C ARG E 129 -25.76 32.68 -13.30
N PRO E 130 -26.61 33.48 -12.64
CA PRO E 130 -27.22 34.67 -13.22
C PRO E 130 -26.33 35.89 -12.93
N PRO E 131 -26.63 37.04 -13.55
CA PRO E 131 -25.81 38.24 -13.31
C PRO E 131 -25.81 38.76 -11.86
N ILE E 132 -26.94 38.70 -11.16
CA ILE E 132 -26.97 39.31 -9.82
C ILE E 132 -26.77 38.33 -8.63
N LYS E 133 -26.03 38.79 -7.63
CA LYS E 133 -25.77 38.00 -6.44
C LYS E 133 -26.12 38.75 -5.14
N ALA E 134 -26.93 38.13 -4.28
CA ALA E 134 -27.26 38.76 -2.98
C ALA E 134 -26.36 38.27 -1.85
N THR E 135 -25.95 39.20 -0.99
CA THR E 135 -25.15 38.88 0.17
C THR E 135 -25.70 39.55 1.44
N GLU E 136 -25.87 38.82 2.54
CA GLU E 136 -26.31 39.44 3.79
C GLU E 136 -25.39 39.10 4.95
N THR E 137 -25.34 39.98 5.93
CA THR E 137 -24.34 39.91 6.98
C THR E 137 -24.87 39.33 8.29
N ILE E 138 -24.01 38.59 8.99
CA ILE E 138 -24.28 38.21 10.38
C ILE E 138 -23.11 38.54 11.29
N ARG E 139 -23.32 39.46 12.22
CA ARG E 139 -22.40 39.60 13.35
C ARG E 139 -23.03 38.79 14.47
N LEU E 140 -22.60 37.54 14.58
CA LEU E 140 -23.25 36.59 15.47
C LEU E 140 -23.01 36.92 16.95
N THR E 141 -24.00 37.58 17.55
CA THR E 141 -24.08 37.77 19.00
C THR E 141 -24.01 36.39 19.63
N VAL E 142 -23.14 36.22 20.62
CA VAL E 142 -22.87 34.89 21.20
C VAL E 142 -24.03 34.34 22.02
N ALA F 1 -13.16 -28.74 5.17
CA ALA F 1 -13.03 -27.35 4.69
C ALA F 1 -13.65 -26.37 5.67
N GLU F 2 -14.63 -26.85 6.43
CA GLU F 2 -15.28 -26.01 7.42
C GLU F 2 -15.46 -26.78 8.73
N ILE F 3 -14.79 -26.36 9.79
CA ILE F 3 -14.96 -27.03 11.07
C ILE F 3 -15.30 -26.09 12.24
N THR F 4 -16.10 -26.60 13.16
CA THR F 4 -16.48 -25.87 14.37
C THR F 4 -15.84 -26.59 15.52
N LEU F 5 -15.15 -25.85 16.38
CA LEU F 5 -14.48 -26.52 17.46
C LEU F 5 -14.94 -25.91 18.77
N ILE F 6 -15.53 -26.73 19.62
CA ILE F 6 -15.83 -26.29 20.95
C ILE F 6 -14.76 -26.83 21.86
N SER F 7 -13.89 -25.94 22.33
CA SER F 7 -12.95 -26.29 23.39
C SER F 7 -12.99 -25.22 24.49
N THR F 10 -8.80 -24.43 30.28
CA THR F 10 -8.75 -25.38 31.38
C THR F 10 -9.56 -26.62 31.05
N GLY F 12 -8.54 -29.72 35.50
CA GLY F 12 -8.26 -30.75 36.48
C GLY F 12 -6.86 -31.32 36.35
N SER F 13 -6.31 -31.77 37.47
CA SER F 13 -4.99 -32.38 37.48
C SER F 13 -5.12 -33.81 36.97
N GLN F 14 -6.26 -34.42 37.28
CA GLN F 14 -6.56 -35.78 36.85
C GLN F 14 -7.53 -35.77 35.68
N LEU F 15 -7.51 -36.86 34.91
CA LEU F 15 -8.30 -37.02 33.70
C LEU F 15 -8.15 -38.44 33.15
N ARG F 16 -9.11 -38.90 32.35
CA ARG F 16 -9.05 -40.26 31.79
C ARG F 16 -9.76 -40.38 30.44
N LYS F 20 -12.69 -35.79 27.15
CA LYS F 20 -13.19 -34.88 26.12
C LYS F 20 -12.70 -33.45 26.36
N LEU F 21 -11.58 -33.15 25.72
CA LEU F 21 -10.95 -31.85 25.84
C LEU F 21 -11.62 -30.90 24.87
N ALA F 22 -12.28 -31.47 23.87
CA ALA F 22 -12.97 -30.69 22.85
C ALA F 22 -13.86 -31.58 21.98
N THR F 23 -14.88 -30.99 21.40
CA THR F 23 -15.69 -31.69 20.42
C THR F 23 -15.90 -30.74 19.26
N GLY F 24 -16.12 -31.30 18.09
CA GLY F 24 -16.22 -30.47 16.91
C GLY F 24 -16.82 -31.18 15.74
N ARG F 25 -17.19 -30.40 14.74
CA ARG F 25 -17.71 -31.00 13.55
C ARG F 25 -17.00 -30.45 12.34
N ILE F 26 -16.87 -31.26 11.30
CA ILE F 26 -16.36 -30.76 10.04
C ILE F 26 -17.52 -30.77 9.07
N ALA F 27 -17.70 -29.66 8.36
CA ALA F 27 -18.75 -29.55 7.36
C ALA F 27 -18.15 -29.46 5.98
N CYS F 28 -18.87 -29.98 4.99
CA CYS F 28 -18.40 -30.01 3.60
C CYS F 28 -19.53 -29.64 2.64
N ARG F 29 -19.64 -28.37 2.32
CA ARG F 29 -20.79 -27.84 1.59
C ARG F 29 -20.81 -28.28 0.13
N GLU F 30 -19.66 -28.22 -0.53
CA GLU F 30 -19.56 -28.76 -1.88
C GLU F 30 -19.57 -30.28 -1.79
N PRO F 31 -20.02 -30.96 -2.86
CA PRO F 31 -20.02 -32.42 -2.88
C PRO F 31 -18.62 -32.98 -2.70
N HIS F 32 -18.55 -34.08 -1.97
CA HIS F 32 -17.29 -34.69 -1.55
C HIS F 32 -17.67 -36.12 -1.29
N ASP F 33 -16.71 -36.94 -0.87
CA ASP F 33 -17.03 -38.34 -0.59
C ASP F 33 -16.57 -38.83 0.77
N GLY F 34 -15.89 -37.97 1.52
CA GLY F 34 -15.48 -38.31 2.86
C GLY F 34 -14.89 -37.16 3.61
N PHE F 35 -14.39 -37.46 4.81
CA PHE F 35 -13.81 -36.48 5.70
C PHE F 35 -12.52 -37.01 6.22
N HIS F 36 -11.62 -36.11 6.55
CA HIS F 36 -10.28 -36.47 6.96
C HIS F 36 -9.92 -35.41 7.98
N ILE F 37 -9.51 -35.80 9.18
CA ILE F 37 -9.12 -34.82 10.18
C ILE F 37 -7.88 -35.29 10.90
N TRP F 38 -7.20 -34.39 11.60
CA TRP F 38 -6.05 -34.78 12.35
C TRP F 38 -5.65 -33.68 13.30
N ILE F 39 -4.78 -34.01 14.25
CA ILE F 39 -4.28 -33.01 15.17
C ILE F 39 -2.84 -32.68 14.79
N ASN F 40 -2.50 -31.41 14.90
CA ASN F 40 -1.15 -30.99 14.67
C ASN F 40 -0.44 -31.01 16.01
N ALA F 41 0.53 -31.92 16.09
CA ALA F 41 1.27 -32.26 17.30
C ALA F 41 2.08 -33.53 17.01
N SER F 42 3.04 -33.83 17.88
CA SER F 42 3.86 -35.04 17.73
C SER F 42 3.04 -36.33 17.87
N GLN F 43 3.35 -37.29 17.00
CA GLN F 43 2.69 -38.60 17.00
C GLN F 43 2.96 -39.34 18.33
N ASN F 44 2.23 -40.43 18.56
CA ASN F 44 2.48 -41.30 19.71
C ASN F 44 2.96 -42.66 19.24
N LYS F 46 -1.01 -45.62 18.14
CA LYS F 46 -1.54 -45.92 16.82
C LYS F 46 -1.57 -44.60 16.06
N VAL F 47 -1.93 -44.65 14.79
CA VAL F 47 -2.21 -43.43 14.06
C VAL F 47 -3.56 -42.86 14.51
N GLY F 48 -3.61 -41.54 14.73
CA GLY F 48 -4.75 -40.92 15.38
C GLY F 48 -4.48 -40.71 16.87
N HIS F 49 -3.31 -41.16 17.30
CA HIS F 49 -2.86 -40.93 18.68
C HIS F 49 -1.70 -39.94 18.72
N TYR F 50 -1.77 -38.98 19.63
CA TYR F 50 -0.81 -37.89 19.65
C TYR F 50 -0.19 -37.61 21.02
N ILE F 51 1.00 -37.03 21.00
CA ILE F 51 1.64 -36.57 22.22
C ILE F 51 1.81 -35.05 22.20
N VAL F 52 1.18 -34.37 23.15
CA VAL F 52 1.22 -32.90 23.20
C VAL F 52 2.10 -32.36 24.35
N GLN F 53 3.11 -31.56 23.97
CA GLN F 53 4.03 -30.94 24.93
C GLN F 53 3.45 -29.64 25.45
N ASN F 54 4.03 -29.12 26.53
CA ASN F 54 3.61 -27.83 27.06
C ASN F 54 4.75 -26.83 27.22
N ASN F 55 4.73 -25.76 26.43
CA ASN F 55 5.65 -24.66 26.68
C ASN F 55 5.29 -23.96 27.99
N ARG F 56 6.24 -23.20 28.54
CA ARG F 56 6.14 -22.66 29.90
C ARG F 56 6.02 -23.79 30.94
N LYS F 59 8.98 -30.32 28.97
CA LYS F 59 8.87 -31.05 30.23
C LYS F 59 7.86 -32.21 30.13
N HIS F 60 6.64 -31.99 30.59
CA HIS F 60 5.61 -33.03 30.60
C HIS F 60 4.76 -33.04 29.33
N GLU F 61 3.95 -34.08 29.19
CA GLU F 61 3.11 -34.25 28.01
C GLU F 61 1.86 -35.03 28.36
N LEU F 62 0.78 -34.78 27.64
CA LEU F 62 -0.42 -35.59 27.79
C LEU F 62 -0.82 -36.24 26.47
N LYS F 63 -1.21 -37.50 26.55
CA LYS F 63 -1.56 -38.26 25.37
C LYS F 63 -3.02 -37.97 24.97
N VAL F 64 -3.20 -37.50 23.74
CA VAL F 64 -4.55 -37.28 23.24
C VAL F 64 -4.80 -38.19 22.04
N LYS F 65 -6.06 -38.33 21.68
CA LYS F 65 -6.46 -39.12 20.53
C LYS F 65 -7.69 -38.48 19.90
N ILE F 66 -7.98 -38.80 18.65
CA ILE F 66 -8.95 -38.02 17.90
C ILE F 66 -9.96 -38.88 17.21
N GLY F 67 -11.19 -38.41 17.16
CA GLY F 67 -12.19 -39.04 16.34
C GLY F 67 -13.44 -39.43 17.11
N GLY F 68 -13.59 -40.74 17.33
CA GLY F 68 -14.77 -41.29 17.97
C GLY F 68 -15.42 -42.46 17.24
N GLY F 69 -14.64 -43.23 16.49
CA GLY F 69 -15.10 -44.53 16.03
C GLY F 69 -16.28 -44.63 15.07
N GLY F 70 -16.84 -43.48 14.67
CA GLY F 70 -17.40 -43.38 13.34
C GLY F 70 -16.18 -43.14 12.44
N TRP F 71 -15.00 -43.09 13.07
CA TRP F 71 -13.75 -42.69 12.44
C TRP F 71 -12.66 -43.77 12.40
N SER F 72 -12.05 -43.97 11.24
CA SER F 72 -10.98 -44.95 11.10
C SER F 72 -9.57 -44.32 10.92
N SER F 73 -8.59 -44.96 11.54
CA SER F 73 -7.18 -44.60 11.35
C SER F 73 -6.82 -44.44 9.87
N SER F 74 -6.13 -43.35 9.53
CA SER F 74 -5.84 -43.08 8.13
C SER F 74 -4.46 -42.46 7.86
N LEU F 75 -3.90 -42.79 6.72
CA LEU F 75 -2.79 -41.99 6.19
C LEU F 75 -2.92 -41.77 4.70
N ILE F 76 -3.17 -40.49 4.44
CA ILE F 76 -3.52 -39.99 3.13
C ILE F 76 -2.44 -39.01 2.72
N GLU F 77 -1.68 -39.39 1.69
CA GLU F 77 -0.57 -38.59 1.21
C GLU F 77 0.40 -38.22 2.33
N GLY F 78 0.68 -39.16 3.23
CA GLY F 78 1.64 -38.93 4.29
C GLY F 78 1.03 -38.39 5.58
N GLN F 79 -0.16 -37.79 5.47
CA GLN F 79 -0.90 -37.43 6.68
C GLN F 79 -1.85 -38.58 7.05
N GLY F 81 -3.93 -39.12 10.26
CA GLY F 81 -5.13 -38.83 11.05
C GLY F 81 -6.24 -39.87 10.96
N VAL F 82 -7.48 -39.46 11.14
CA VAL F 82 -8.57 -40.38 10.95
C VAL F 82 -9.50 -39.88 9.89
N TYR F 83 -10.18 -40.81 9.23
CA TYR F 83 -11.06 -40.48 8.13
C TYR F 83 -12.43 -41.14 8.27
N ARG F 84 -13.40 -40.72 7.47
CA ARG F 84 -14.72 -41.35 7.42
C ARG F 84 -15.38 -41.11 6.06
N GLN F 85 -15.87 -42.18 5.44
CA GLN F 85 -16.54 -42.11 4.14
C GLN F 85 -17.93 -41.50 4.30
N GLY F 86 -18.47 -40.91 3.24
CA GLY F 86 -19.81 -40.33 3.30
C GLY F 86 -19.98 -39.04 2.52
N GLU F 87 -21.15 -38.86 1.91
CA GLU F 87 -21.42 -37.65 1.14
C GLU F 87 -22.31 -36.65 1.87
N GLU F 88 -22.73 -36.96 3.09
CA GLU F 88 -23.53 -36.02 3.88
C GLU F 88 -22.70 -34.80 4.21
N LYS F 89 -23.38 -33.73 4.60
CA LYS F 89 -22.75 -32.41 4.77
C LYS F 89 -21.84 -32.31 6.00
N GLN F 90 -22.11 -33.11 7.03
CA GLN F 90 -21.39 -32.95 8.29
C GLN F 90 -20.80 -34.25 8.84
N ALA F 91 -19.89 -34.09 9.80
CA ALA F 91 -19.45 -35.18 10.64
C ALA F 91 -18.89 -34.64 11.97
N ILE F 92 -19.26 -35.31 13.06
CA ILE F 92 -18.86 -34.97 14.41
C ILE F 92 -17.70 -35.83 14.88
N PHE F 93 -16.86 -35.25 15.74
CA PHE F 93 -15.69 -35.93 16.28
C PHE F 93 -15.31 -35.34 17.64
N ASP F 94 -14.52 -36.10 18.40
CA ASP F 94 -14.08 -35.69 19.74
C ASP F 94 -12.57 -35.77 19.89
N ILE F 95 -12.02 -34.90 20.72
CA ILE F 95 -10.62 -35.03 21.11
C ILE F 95 -10.58 -35.43 22.56
N MET F 96 -10.24 -36.69 22.78
CA MET F 96 -10.37 -37.30 24.08
C MET F 96 -8.99 -37.64 24.62
N SER F 97 -8.87 -37.62 25.93
CA SER F 97 -7.64 -38.09 26.54
C SER F 97 -7.41 -39.56 26.16
N ASP F 98 -6.19 -39.85 25.73
CA ASP F 98 -5.73 -41.21 25.52
C ASP F 98 -5.46 -41.82 26.89
N GLY F 99 -6.47 -42.45 27.49
CA GLY F 99 -6.33 -43.18 28.75
C GLY F 99 -6.10 -42.36 30.00
N ASN F 100 -6.17 -43.02 31.15
CA ASN F 100 -5.86 -42.40 32.46
C ASN F 100 -4.46 -41.83 32.50
N GLN F 101 -4.33 -40.56 32.87
CA GLN F 101 -3.02 -39.95 33.02
C GLN F 101 -3.02 -38.72 33.92
N TYR F 102 -1.84 -38.36 34.41
CA TYR F 102 -1.66 -37.23 35.30
C TYR F 102 -1.11 -36.04 34.49
N SER F 103 -1.46 -34.83 34.88
CA SER F 103 -0.98 -33.66 34.14
C SER F 103 -0.52 -32.48 35.00
N ALA F 104 0.77 -32.17 34.90
CA ALA F 104 1.40 -31.07 35.64
C ALA F 104 0.97 -29.72 35.08
N PRO F 105 1.06 -28.65 35.90
CA PRO F 105 0.72 -27.29 35.46
C PRO F 105 1.58 -26.74 34.30
N GLY F 106 0.93 -25.94 33.45
CA GLY F 106 1.55 -25.42 32.24
C GLY F 106 0.51 -25.38 31.12
N GLU F 107 0.84 -24.72 30.00
CA GLU F 107 -0.14 -24.59 28.91
C GLU F 107 0.06 -25.58 27.76
N TYR F 108 -1.03 -26.25 27.38
CA TYR F 108 -1.00 -27.30 26.35
C TYR F 108 -1.64 -26.85 25.05
N ILE F 109 -0.82 -26.43 24.10
CA ILE F 109 -1.34 -25.89 22.86
C ILE F 109 -1.19 -26.88 21.70
N PHE F 110 -2.19 -26.89 20.83
CA PHE F 110 -2.18 -27.72 19.63
C PHE F 110 -3.41 -27.39 18.79
N SER F 111 -3.49 -27.97 17.60
CA SER F 111 -4.55 -27.60 16.70
C SER F 111 -5.05 -28.80 15.95
N VAL F 112 -6.24 -28.64 15.38
CA VAL F 112 -6.93 -29.70 14.68
C VAL F 112 -7.24 -29.21 13.30
N SER F 113 -7.05 -30.04 12.28
CA SER F 113 -7.45 -29.61 10.94
C SER F 113 -8.29 -30.68 10.30
N GLY F 114 -8.96 -30.33 9.21
CA GLY F 114 -9.71 -31.31 8.43
C GLY F 114 -9.89 -30.87 6.99
N GLU F 115 -10.12 -31.84 6.10
CA GLU F 115 -10.33 -31.59 4.68
C GLU F 115 -11.52 -32.39 4.22
N CYS F 116 -12.11 -31.99 3.12
CA CYS F 116 -13.23 -32.71 2.55
C CYS F 116 -12.69 -33.51 1.38
N LEU F 117 -12.70 -34.84 1.52
CA LEU F 117 -12.09 -35.73 0.53
C LEU F 117 -12.99 -35.93 -0.66
N ILE F 118 -12.38 -36.09 -1.83
CA ILE F 118 -13.13 -36.21 -3.07
C ILE F 118 -12.95 -37.60 -3.70
N SER F 119 -14.02 -38.20 -4.25
CA SER F 119 -13.90 -39.53 -4.84
C SER F 119 -12.94 -39.53 -6.01
N ARG F 120 -13.14 -38.55 -6.88
CA ARG F 120 -12.35 -38.43 -8.09
C ARG F 120 -10.85 -38.52 -7.82
N LEU F 127 -9.64 -42.00 -2.62
CA LEU F 127 -9.85 -40.56 -2.52
C LEU F 127 -8.56 -39.79 -2.17
N GLU F 128 -8.58 -38.48 -2.42
CA GLU F 128 -7.40 -37.63 -2.28
C GLU F 128 -7.78 -36.26 -1.73
N ARG F 129 -6.76 -35.46 -1.43
CA ARG F 129 -6.91 -34.23 -0.66
C ARG F 129 -7.17 -33.00 -1.54
N PRO F 130 -8.09 -32.13 -1.11
CA PRO F 130 -8.42 -30.89 -1.81
C PRO F 130 -7.39 -29.81 -1.45
N PRO F 131 -7.35 -28.68 -2.18
CA PRO F 131 -6.37 -27.63 -1.86
C PRO F 131 -6.64 -26.90 -0.54
N ILE F 132 -7.86 -26.98 -0.04
CA ILE F 132 -8.27 -26.28 1.18
C ILE F 132 -8.33 -27.18 2.40
N LYS F 133 -7.70 -26.73 3.49
CA LYS F 133 -7.88 -27.33 4.80
C LYS F 133 -8.14 -26.25 5.85
N ALA F 134 -9.08 -26.49 6.76
CA ALA F 134 -9.36 -25.52 7.80
C ALA F 134 -8.72 -25.94 9.12
N THR F 135 -8.29 -24.97 9.93
CA THR F 135 -7.62 -25.30 11.18
C THR F 135 -8.17 -24.55 12.40
N GLU F 136 -8.16 -25.20 13.55
CA GLU F 136 -8.63 -24.54 14.77
C GLU F 136 -7.71 -24.93 15.91
N THR F 137 -7.43 -23.98 16.79
CA THR F 137 -6.47 -24.24 17.85
C THR F 137 -7.10 -24.41 19.22
N ILE F 138 -6.50 -25.29 20.04
CA ILE F 138 -6.86 -25.42 21.44
C ILE F 138 -5.66 -25.08 22.34
N ARG F 139 -5.93 -24.39 23.44
CA ARG F 139 -4.89 -24.10 24.43
C ARG F 139 -5.39 -24.43 25.83
N LEU F 140 -4.58 -25.13 26.61
CA LEU F 140 -5.08 -25.68 27.87
C LEU F 140 -4.15 -25.49 29.05
N THR F 141 -4.73 -25.01 30.15
CA THR F 141 -4.04 -24.89 31.45
C THR F 141 -4.08 -26.19 32.28
N VAL F 142 -5.29 -26.70 32.55
CA VAL F 142 -5.51 -28.06 33.05
C VAL F 142 -6.91 -28.55 32.72
N ALA G 1 11.11 -4.71 27.96
CA ALA G 1 11.06 -4.48 29.39
C ALA G 1 11.17 -2.99 29.70
N GLU G 2 12.02 -2.30 28.95
CA GLU G 2 12.30 -0.90 29.25
C GLU G 2 12.03 0.05 28.08
N ILE G 3 11.41 1.18 28.41
CA ILE G 3 11.08 2.20 27.42
C ILE G 3 11.69 3.52 27.83
N THR G 4 12.20 4.27 26.85
CA THR G 4 12.79 5.58 27.11
C THR G 4 12.28 6.60 26.09
N LEU G 5 11.99 7.82 26.55
CA LEU G 5 11.25 8.81 25.75
C LEU G 5 11.95 10.17 25.60
N ILE G 6 11.61 10.87 24.52
CA ILE G 6 12.29 12.11 24.12
C ILE G 6 11.30 13.01 23.38
N SER G 7 11.18 14.27 23.78
CA SER G 7 10.33 15.21 23.07
C SER G 7 11.04 15.82 21.86
N HIS G 8 10.59 16.99 21.40
CA HIS G 8 11.17 17.65 20.22
C HIS G 8 11.53 19.11 20.43
N LEU G 11 8.47 25.13 18.54
CA LEU G 11 8.67 24.53 17.22
C LEU G 11 7.78 25.21 16.18
N GLY G 12 6.53 25.43 16.56
CA GLY G 12 5.54 26.00 15.67
C GLY G 12 4.19 25.49 16.09
N SER G 13 3.12 26.01 15.49
CA SER G 13 1.77 25.68 15.94
C SER G 13 0.90 25.01 14.85
N GLN G 14 1.46 24.88 13.65
CA GLN G 14 0.78 24.19 12.56
C GLN G 14 1.28 22.74 12.47
N LEU G 15 0.36 21.79 12.30
CA LEU G 15 0.74 20.38 12.21
C LEU G 15 0.19 19.64 10.98
N ARG G 16 1.10 19.16 10.14
CA ARG G 16 0.74 18.38 8.96
C ARG G 16 0.86 16.89 9.25
N ASP G 17 1.17 16.07 8.25
CA ASP G 17 1.20 14.62 8.45
C ASP G 17 2.59 14.05 8.73
N GLY G 18 2.65 13.08 9.66
CA GLY G 18 3.87 12.36 9.96
C GLY G 18 4.86 13.23 10.70
N MET G 19 4.37 14.40 11.08
CA MET G 19 5.16 15.35 11.84
C MET G 19 5.47 14.74 13.19
N LYS G 20 6.70 14.25 13.33
CA LYS G 20 7.15 13.65 14.59
C LYS G 20 6.89 14.61 15.77
N LEU G 21 6.70 14.02 16.95
CA LEU G 21 6.38 14.77 18.14
C LEU G 21 7.20 14.23 19.31
N ALA G 22 7.57 12.96 19.22
CA ALA G 22 8.45 12.32 20.19
C ALA G 22 9.07 11.11 19.52
N THR G 23 10.07 10.52 20.17
CA THR G 23 10.73 9.37 19.58
C THR G 23 11.33 8.47 20.64
N GLY G 24 10.72 7.31 20.84
CA GLY G 24 11.07 6.44 21.95
C GLY G 24 11.77 5.20 21.50
N ARG G 25 12.13 4.35 22.46
CA ARG G 25 12.95 3.18 22.19
C ARG G 25 12.55 2.14 23.20
N ILE G 26 12.48 0.88 22.78
CA ILE G 26 11.98 -0.16 23.65
C ILE G 26 12.92 -1.36 23.64
N ALA G 27 13.22 -1.90 24.82
CA ALA G 27 14.30 -2.86 24.95
C ALA G 27 13.96 -4.00 25.91
N CYS G 28 13.65 -5.17 25.36
CA CYS G 28 13.49 -6.37 26.17
C CYS G 28 14.81 -7.14 26.18
N ARG G 29 15.41 -7.27 27.37
CA ARG G 29 16.71 -7.93 27.48
C ARG G 29 16.62 -9.42 27.15
N GLU G 30 15.71 -10.12 27.83
CA GLU G 30 15.48 -11.54 27.60
C GLU G 30 15.07 -11.83 26.15
N PRO G 31 15.56 -12.97 25.60
CA PRO G 31 15.05 -13.45 24.31
C PRO G 31 13.52 -13.52 24.23
N HIS G 32 13.01 -13.24 23.04
CA HIS G 32 11.60 -12.93 22.85
C HIS G 32 11.42 -12.71 21.35
N ASP G 33 10.21 -12.89 20.84
CA ASP G 33 10.00 -12.78 19.40
C ASP G 33 9.68 -11.37 18.89
N GLY G 34 9.11 -10.52 19.74
CA GLY G 34 8.77 -9.19 19.25
C GLY G 34 8.43 -8.06 20.21
N PHE G 35 8.04 -6.94 19.63
CA PHE G 35 7.69 -5.74 20.38
C PHE G 35 6.24 -5.31 20.17
N HIS G 36 5.79 -4.40 21.03
CA HIS G 36 4.39 -4.22 21.24
C HIS G 36 4.21 -3.00 22.12
N ILE G 37 3.64 -1.92 21.58
CA ILE G 37 3.60 -0.64 22.27
C ILE G 37 2.31 0.11 21.96
N TRP G 38 1.89 0.97 22.88
CA TRP G 38 0.71 1.80 22.61
C TRP G 38 0.78 3.11 23.37
N ILE G 39 -0.22 3.95 23.17
CA ILE G 39 -0.39 5.13 23.98
C ILE G 39 -1.60 4.91 24.89
N ASN G 40 -1.51 5.34 26.14
CA ASN G 40 -2.68 5.28 27.04
C ASN G 40 -3.50 6.56 26.98
N ALA G 41 -4.46 6.57 26.08
CA ALA G 41 -5.38 7.67 25.89
C ALA G 41 -6.62 7.05 25.28
N SER G 42 -7.78 7.65 25.51
CA SER G 42 -9.01 7.11 24.93
C SER G 42 -8.89 7.16 23.41
N GLN G 43 -9.00 6.00 22.77
CA GLN G 43 -8.66 5.89 21.34
C GLN G 43 -9.83 6.17 20.42
N VAL G 47 -6.29 0.27 16.16
CA VAL G 47 -6.03 1.41 15.29
C VAL G 47 -4.63 2.06 15.51
N GLY G 48 -4.24 2.26 16.76
CA GLY G 48 -2.94 2.85 17.07
C GLY G 48 -2.84 4.35 16.82
N HIS G 49 -4.00 5.00 16.73
CA HIS G 49 -4.13 6.45 16.56
C HIS G 49 -4.95 7.00 17.70
N TYR G 50 -4.55 8.15 18.23
CA TYR G 50 -5.13 8.59 19.50
C TYR G 50 -5.56 10.06 19.54
N ILE G 51 -6.25 10.40 20.62
CA ILE G 51 -6.55 11.79 20.92
C ILE G 51 -6.02 12.12 22.33
N VAL G 52 -5.18 13.15 22.41
CA VAL G 52 -4.52 13.55 23.65
C VAL G 52 -4.80 15.00 23.99
N GLN G 53 -5.59 15.23 25.04
CA GLN G 53 -6.07 16.56 25.38
C GLN G 53 -5.01 17.51 25.93
N ASN G 54 -5.33 18.79 25.87
CA ASN G 54 -4.49 19.80 26.52
C ASN G 54 -4.94 20.02 27.96
N ASN G 55 -3.98 20.12 28.86
CA ASN G 55 -4.27 20.36 30.27
C ASN G 55 -4.36 21.86 30.54
N HIS G 60 -9.51 22.04 24.71
CA HIS G 60 -9.40 21.54 23.34
C HIS G 60 -8.58 20.23 23.28
N GLU G 61 -8.34 19.73 22.06
CA GLU G 61 -7.76 18.39 21.88
C GLU G 61 -6.55 18.28 20.94
N LEU G 62 -6.38 17.09 20.39
CA LEU G 62 -5.29 16.75 19.47
C LEU G 62 -5.56 15.36 18.87
N LYS G 63 -4.97 15.06 17.71
CA LYS G 63 -5.03 13.70 17.17
C LYS G 63 -3.64 13.16 16.83
N VAL G 64 -3.34 11.93 17.25
CA VAL G 64 -1.95 11.44 17.24
C VAL G 64 -1.78 9.94 16.91
N LYS G 65 -0.66 9.59 16.29
CA LYS G 65 -0.36 8.22 15.88
C LYS G 65 1.02 7.80 16.35
N ILE G 66 1.22 6.49 16.50
CA ILE G 66 2.46 5.95 17.07
C ILE G 66 2.98 4.77 16.28
N GLY G 67 4.30 4.68 16.13
CA GLY G 67 4.94 3.54 15.50
C GLY G 67 5.91 3.85 14.37
N GLY G 68 5.39 4.30 13.23
CA GLY G 68 6.18 4.52 12.03
C GLY G 68 6.95 3.29 11.56
N GLY G 69 7.95 3.49 10.71
CA GLY G 69 8.89 2.47 10.30
C GLY G 69 8.32 1.09 10.05
N GLY G 70 8.90 0.07 10.66
CA GLY G 70 8.38 -1.29 10.55
C GLY G 70 7.36 -1.65 11.62
N TRP G 71 6.37 -0.79 11.82
CA TRP G 71 5.34 -1.01 12.84
C TRP G 71 3.96 -1.12 12.22
N SER G 72 3.21 -2.15 12.58
CA SER G 72 1.83 -2.24 12.09
C SER G 72 0.77 -2.44 13.20
N SER G 73 -0.43 -1.92 12.94
CA SER G 73 -1.53 -2.01 13.87
C SER G 73 -1.79 -3.46 14.29
N SER G 74 -1.99 -3.66 15.59
CA SER G 74 -2.27 -4.99 16.08
C SER G 74 -3.26 -4.95 17.23
N LEU G 75 -3.81 -6.12 17.53
CA LEU G 75 -4.65 -6.31 18.68
C LEU G 75 -4.19 -7.63 19.24
N ILE G 76 -3.58 -7.56 20.41
CA ILE G 76 -3.05 -8.77 21.02
C ILE G 76 -3.60 -8.96 22.43
N GLU G 77 -4.67 -9.76 22.48
CA GLU G 77 -5.26 -10.31 23.72
C GLU G 77 -5.17 -9.51 25.00
N GLY G 78 -5.93 -8.44 25.11
CA GLY G 78 -6.69 -7.86 24.03
C GLY G 78 -6.29 -6.40 24.14
N GLN G 79 -5.00 -6.18 23.93
CA GLN G 79 -4.42 -4.84 23.96
C GLN G 79 -4.23 -4.33 22.54
N ARG G 80 -4.84 -3.20 22.24
CA ARG G 80 -4.64 -2.57 20.94
C ARG G 80 -3.30 -1.81 20.93
N GLY G 81 -2.46 -2.10 19.95
CA GLY G 81 -1.23 -1.37 19.79
C GLY G 81 -0.71 -1.37 18.36
N VAL G 82 0.59 -1.18 18.22
CA VAL G 82 1.27 -1.41 16.97
C VAL G 82 2.37 -2.36 17.34
N TYR G 83 2.69 -3.32 16.48
CA TYR G 83 3.70 -4.28 16.84
C TYR G 83 4.72 -4.54 15.73
N ARG G 84 5.76 -5.30 16.08
CA ARG G 84 6.76 -5.78 15.13
C ARG G 84 7.46 -7.03 15.67
N GLN G 85 8.11 -7.77 14.80
CA GLN G 85 8.77 -9.00 15.22
C GLN G 85 10.28 -8.81 15.34
N GLY G 86 10.95 -9.76 15.99
CA GLY G 86 12.40 -9.74 16.07
C GLY G 86 12.96 -10.20 17.41
N GLU G 87 14.02 -11.00 17.36
CA GLU G 87 14.73 -11.37 18.57
C GLU G 87 15.57 -10.18 19.02
N GLU G 88 15.67 -9.18 18.14
CA GLU G 88 16.44 -7.97 18.37
C GLU G 88 16.15 -7.39 19.75
N LYS G 89 17.19 -7.30 20.56
CA LYS G 89 17.07 -6.87 21.95
C LYS G 89 16.67 -5.40 22.05
N GLN G 90 16.56 -4.70 20.92
CA GLN G 90 16.12 -3.30 20.91
C GLN G 90 15.22 -2.93 19.71
N ALA G 91 14.38 -1.92 19.91
CA ALA G 91 13.52 -1.40 18.84
C ALA G 91 13.16 0.07 19.06
N ILE G 92 12.94 0.79 17.96
CA ILE G 92 12.80 2.24 18.00
C ILE G 92 11.55 2.69 17.25
N PHE G 93 10.90 3.75 17.72
CA PHE G 93 9.60 4.13 17.21
C PHE G 93 9.36 5.61 17.33
N ASP G 94 8.20 6.05 16.85
CA ASP G 94 7.84 7.45 16.88
C ASP G 94 6.42 7.65 17.34
N ILE G 95 6.15 8.84 17.85
CA ILE G 95 4.80 9.33 18.02
C ILE G 95 4.80 10.55 17.11
N MET G 96 3.73 10.74 16.33
CA MET G 96 3.75 11.69 15.22
C MET G 96 2.39 12.29 14.91
N SER G 97 2.36 13.32 14.06
CA SER G 97 1.10 13.90 13.65
C SER G 97 0.49 13.04 12.56
N ASP G 98 -0.74 13.35 12.19
CA ASP G 98 -1.41 12.64 11.11
C ASP G 98 -2.37 13.56 10.35
N GLY G 99 -1.93 14.01 9.18
CA GLY G 99 -2.68 14.95 8.38
C GLY G 99 -2.52 16.37 8.91
N ASN G 100 -3.03 17.33 8.15
CA ASN G 100 -3.04 18.72 8.57
C ASN G 100 -3.83 18.93 9.89
N GLN G 101 -3.30 19.79 10.76
CA GLN G 101 -4.05 20.31 11.93
C GLN G 101 -3.31 21.44 12.64
N TYR G 102 -4.01 22.11 13.56
CA TYR G 102 -3.40 23.19 14.36
C TYR G 102 -3.25 22.74 15.81
N SER G 103 -2.50 23.50 16.61
CA SER G 103 -2.14 23.07 17.95
C SER G 103 -1.93 24.23 18.93
N ALA G 104 -2.86 24.41 19.86
CA ALA G 104 -2.68 25.46 20.87
C ALA G 104 -1.72 25.03 21.97
N GLY G 106 0.69 24.89 24.45
CA GLY G 106 1.15 24.54 25.78
C GLY G 106 1.82 23.19 25.90
N GLU G 107 1.31 22.37 26.83
CA GLU G 107 1.88 21.03 27.07
C GLU G 107 0.89 19.89 26.81
N TYR G 108 1.40 18.76 26.34
CA TYR G 108 0.59 17.55 26.24
C TYR G 108 1.36 16.40 26.84
N ILE G 109 0.70 15.63 27.71
CA ILE G 109 1.35 14.47 28.29
C ILE G 109 0.84 13.17 27.67
N PHE G 110 1.75 12.43 27.05
CA PHE G 110 1.45 11.10 26.54
C PHE G 110 1.94 10.11 27.56
N SER G 111 1.09 9.16 27.90
CA SER G 111 1.53 7.96 28.61
C SER G 111 1.78 6.87 27.57
N VAL G 112 2.95 6.26 27.59
CA VAL G 112 3.30 5.26 26.60
C VAL G 112 3.67 3.94 27.24
N SER G 113 2.99 2.87 26.84
CA SER G 113 3.34 1.56 27.36
C SER G 113 3.92 0.64 26.30
N GLY G 114 4.47 -0.49 26.73
CA GLY G 114 5.05 -1.45 25.82
C GLY G 114 5.42 -2.77 26.48
N GLU G 115 5.27 -3.88 25.76
CA GLU G 115 5.71 -5.18 26.26
C GLU G 115 6.73 -5.76 25.30
N CYS G 116 7.30 -6.91 25.66
CA CYS G 116 8.01 -7.70 24.66
C CYS G 116 7.32 -9.04 24.54
N LEU G 117 7.03 -9.42 23.31
CA LEU G 117 6.21 -10.59 23.04
C LEU G 117 7.04 -11.89 23.06
N ILE G 118 6.38 -13.02 22.90
CA ILE G 118 7.00 -14.29 23.27
C ILE G 118 7.03 -15.37 22.19
N SER G 119 5.91 -15.56 21.49
CA SER G 119 5.68 -16.72 20.64
C SER G 119 5.81 -18.03 21.44
N ARG G 120 4.71 -18.41 22.09
CA ARG G 120 4.67 -19.61 22.92
C ARG G 120 3.37 -20.38 22.69
N LEU G 127 2.17 -15.64 19.68
CA LEU G 127 2.62 -14.37 20.23
C LEU G 127 1.81 -14.01 21.47
N GLU G 128 2.43 -14.00 22.64
CA GLU G 128 1.68 -13.75 23.86
C GLU G 128 2.33 -12.69 24.75
N ARG G 129 1.60 -12.26 25.77
CA ARG G 129 2.05 -11.18 26.64
C ARG G 129 2.66 -11.72 27.93
N PRO G 130 3.71 -11.04 28.43
CA PRO G 130 4.32 -11.41 29.71
C PRO G 130 3.72 -10.59 30.82
N PRO G 131 3.90 -11.03 32.07
CA PRO G 131 3.44 -10.24 33.22
C PRO G 131 4.09 -8.85 33.32
N ILE G 132 5.33 -8.69 32.82
CA ILE G 132 6.03 -7.40 32.91
C ILE G 132 5.59 -6.42 31.83
N LYS G 133 5.26 -5.19 32.24
CA LYS G 133 4.83 -4.15 31.31
C LYS G 133 5.44 -2.80 31.63
N ALA G 134 5.96 -2.12 30.61
CA ALA G 134 6.58 -0.80 30.78
C ALA G 134 5.55 0.32 30.59
N THR G 135 5.74 1.43 31.29
CA THR G 135 4.97 2.63 31.06
C THR G 135 5.80 3.87 31.34
N GLU G 136 5.90 4.74 30.35
CA GLU G 136 6.68 5.95 30.53
C GLU G 136 5.90 7.18 30.12
N THR G 137 6.23 8.29 30.75
CA THR G 137 5.53 9.52 30.48
C THR G 137 6.46 10.49 29.77
N ILE G 138 5.92 11.28 28.86
CA ILE G 138 6.71 12.24 28.11
C ILE G 138 5.87 13.47 27.82
N ARG G 139 6.51 14.64 27.89
CA ARG G 139 5.78 15.89 27.72
C ARG G 139 5.90 16.44 26.32
N LEU G 140 4.81 17.00 25.82
CA LEU G 140 4.82 17.70 24.55
C LEU G 140 4.65 19.19 24.80
N THR G 141 5.75 19.93 24.76
CA THR G 141 5.71 21.38 24.96
C THR G 141 5.55 22.10 23.62
N VAL G 142 4.41 22.77 23.45
CA VAL G 142 4.17 23.64 22.29
C VAL G 142 3.45 24.92 22.74
N ALA H 1 25.59 22.74 10.16
CA ALA H 1 26.85 23.08 10.83
C ALA H 1 26.88 22.46 12.22
N GLU H 2 25.79 21.82 12.59
CA GLU H 2 25.70 21.16 13.87
C GLU H 2 25.13 19.77 13.71
N ILE H 3 25.88 18.76 14.16
CA ILE H 3 25.38 17.38 14.17
C ILE H 3 25.52 16.80 15.57
N THR H 4 24.51 16.04 16.00
CA THR H 4 24.65 15.19 17.18
C THR H 4 24.39 13.75 16.78
N LEU H 5 25.01 12.82 17.50
CA LEU H 5 24.95 11.41 17.15
C LEU H 5 24.58 10.52 18.33
N ILE H 6 24.14 9.30 18.02
CA ILE H 6 24.04 8.23 19.03
C ILE H 6 23.78 6.87 18.38
N HIS H 8 25.07 3.68 20.31
CA HIS H 8 23.65 3.36 20.45
C HIS H 8 23.41 2.42 21.64
N THR H 10 23.49 -1.98 22.68
CA THR H 10 24.10 -3.18 22.12
C THR H 10 23.47 -3.54 20.79
N LEU H 11 23.80 -4.73 20.31
CA LEU H 11 23.17 -5.27 19.11
C LEU H 11 23.19 -6.80 19.12
N GLY H 12 24.27 -7.36 19.63
CA GLY H 12 24.52 -8.77 19.46
C GLY H 12 24.95 -9.01 18.02
N SER H 13 25.55 -10.18 17.77
CA SER H 13 26.06 -10.52 16.45
C SER H 13 25.03 -10.37 15.32
N GLN H 14 23.79 -10.73 15.60
CA GLN H 14 22.75 -10.80 14.57
C GLN H 14 22.24 -9.42 14.16
N LEU H 15 22.04 -9.25 12.84
CA LEU H 15 21.55 -8.00 12.29
C LEU H 15 21.00 -8.13 10.86
N ARG H 16 19.75 -7.69 10.69
CA ARG H 16 19.11 -7.69 9.38
C ARG H 16 19.25 -6.33 8.72
N ASP H 17 18.40 -6.06 7.74
CA ASP H 17 18.32 -4.72 7.15
C ASP H 17 17.45 -3.82 8.01
N GLY H 18 17.52 -2.51 7.75
CA GLY H 18 16.62 -1.56 8.37
C GLY H 18 17.14 -0.93 9.65
N MET H 19 18.17 -1.53 10.25
CA MET H 19 18.80 -0.95 11.43
C MET H 19 20.22 -1.44 11.63
N LEU H 21 19.51 2.55 15.29
CA LEU H 21 18.92 3.58 16.14
C LEU H 21 18.67 4.94 15.44
N ALA H 22 19.62 5.48 14.68
CA ALA H 22 21.02 5.05 14.67
C ALA H 22 21.91 5.69 15.73
N THR H 23 21.78 7.00 16.03
CA THR H 23 20.93 7.98 15.32
C THR H 23 21.67 9.30 15.14
N GLY H 24 21.45 9.95 14.01
CA GLY H 24 22.04 11.27 13.81
C GLY H 24 20.97 12.33 13.80
N ARG H 25 21.39 13.59 13.78
CA ARG H 25 20.47 14.72 13.82
C ARG H 25 21.27 15.96 13.52
N ILE H 26 21.05 16.55 12.35
CA ILE H 26 21.79 17.75 11.97
C ILE H 26 20.94 19.01 12.13
N ALA H 27 21.50 20.02 12.80
CA ALA H 27 20.77 21.25 13.09
C ALA H 27 21.30 22.46 12.33
N CYS H 28 20.44 23.02 11.48
CA CYS H 28 20.77 24.21 10.72
C CYS H 28 19.66 25.21 10.95
N ARG H 29 19.95 26.23 11.75
CA ARG H 29 18.91 27.18 12.14
C ARG H 29 19.19 28.59 11.61
N GLU H 30 20.38 28.76 11.02
CA GLU H 30 20.71 29.99 10.30
C GLU H 30 20.00 29.92 8.95
N PRO H 31 19.64 31.09 8.36
CA PRO H 31 18.99 31.11 7.04
C PRO H 31 19.70 30.25 5.98
N HIS H 32 18.98 29.24 5.48
CA HIS H 32 19.56 28.29 4.54
C HIS H 32 18.56 27.85 3.47
N GLY H 34 19.02 23.53 2.72
CA GLY H 34 19.23 22.13 2.42
C GLY H 34 20.02 21.36 3.46
N PHE H 35 19.96 20.03 3.37
CA PHE H 35 20.67 19.16 4.31
C PHE H 35 21.26 17.95 3.60
N HIS H 36 22.58 17.85 3.54
CA HIS H 36 23.19 16.56 3.20
C HIS H 36 24.22 16.11 4.24
N ILE H 37 24.40 14.81 4.33
CA ILE H 37 25.24 14.19 5.33
C ILE H 37 25.83 12.95 4.70
N TRP H 38 26.86 12.39 5.32
CA TRP H 38 27.53 11.21 4.78
C TRP H 38 28.44 10.58 5.81
N ILE H 39 28.96 9.41 5.49
CA ILE H 39 29.94 8.77 6.35
C ILE H 39 31.31 8.91 5.69
N ASN H 40 32.33 9.22 6.48
CA ASN H 40 33.69 9.30 5.97
C ASN H 40 34.41 7.97 5.95
N SER H 42 34.84 5.20 2.25
CA SER H 42 34.71 3.80 1.87
C SER H 42 33.66 3.64 0.78
N GLN H 43 34.14 3.78 -0.45
CA GLN H 43 33.32 3.70 -1.64
C GLN H 43 32.87 2.27 -1.86
N ASN H 44 31.57 2.03 -1.84
CA ASN H 44 31.09 0.71 -2.23
C ASN H 44 29.86 0.74 -3.13
N GLY H 45 30.01 1.34 -4.30
CA GLY H 45 29.07 1.15 -5.40
C GLY H 45 27.65 1.63 -5.23
N LYS H 46 27.23 1.87 -3.99
CA LYS H 46 25.94 2.52 -3.76
C LYS H 46 26.14 3.71 -2.82
N VAL H 47 25.98 4.91 -3.35
CA VAL H 47 26.06 6.08 -2.50
C VAL H 47 24.70 6.17 -1.83
N GLY H 48 24.68 6.44 -0.53
CA GLY H 48 25.87 6.41 0.29
C GLY H 48 25.78 5.19 1.19
N HIS H 49 26.29 4.08 0.68
CA HIS H 49 26.41 2.84 1.44
C HIS H 49 27.89 2.66 1.71
N TYR H 50 28.22 2.15 2.89
CA TYR H 50 29.63 2.10 3.29
C TYR H 50 30.06 0.76 3.85
N ILE H 51 31.37 0.65 4.10
CA ILE H 51 31.94 -0.46 4.84
C ILE H 51 33.01 0.01 5.85
N VAL H 52 32.89 -0.40 7.10
CA VAL H 52 33.77 0.07 8.18
C VAL H 52 34.49 -1.09 8.86
N GLN H 53 35.82 -1.01 8.88
CA GLN H 53 36.66 -2.10 9.40
C GLN H 53 36.67 -2.11 10.91
N ASN H 54 37.15 -3.22 11.48
CA ASN H 54 37.17 -3.40 12.92
C ASN H 54 38.40 -2.77 13.60
N ASN H 55 38.62 -3.16 14.84
CA ASN H 55 39.83 -2.78 15.57
C ASN H 55 40.61 -4.05 15.94
N ARG H 56 40.48 -5.06 15.09
CA ARG H 56 41.32 -6.23 15.11
C ARG H 56 41.61 -6.63 13.67
N GLU H 57 42.85 -6.42 13.24
CA GLU H 57 43.28 -6.78 11.89
C GLU H 57 42.62 -5.96 10.78
N THR H 58 42.00 -6.66 9.83
CA THR H 58 41.34 -6.05 8.68
C THR H 58 40.57 -7.10 7.88
N HIS H 60 38.13 -8.48 9.44
CA HIS H 60 36.70 -8.22 9.59
C HIS H 60 36.32 -6.85 9.04
N GLU H 61 35.04 -6.71 8.68
CA GLU H 61 34.43 -5.43 8.30
C GLU H 61 32.90 -5.52 8.27
N LEU H 62 32.24 -4.42 7.95
CA LEU H 62 30.79 -4.32 8.09
C LEU H 62 30.12 -3.47 7.01
N LYS H 63 28.97 -3.94 6.50
CA LYS H 63 28.20 -3.22 5.47
C LYS H 63 27.21 -2.23 6.12
N VAL H 64 27.19 -0.98 5.64
CA VAL H 64 26.39 0.06 6.32
C VAL H 64 25.85 1.11 5.33
N LYS H 65 24.73 1.74 5.67
CA LYS H 65 24.15 2.80 4.84
C LYS H 65 23.63 3.94 5.73
N ILE H 66 23.44 5.13 5.17
CA ILE H 66 22.91 6.27 5.94
C ILE H 66 21.68 6.95 5.28
N GLY H 67 20.85 7.60 6.09
CA GLY H 67 19.65 8.29 5.60
C GLY H 67 18.38 7.82 6.29
N GLY H 68 17.59 7.02 5.58
CA GLY H 68 16.44 6.34 6.15
C GLY H 68 15.10 7.08 6.21
N GLY H 69 14.44 7.21 5.07
CA GLY H 69 13.15 7.87 5.00
C GLY H 69 13.06 8.85 3.86
N GLY H 70 13.22 10.13 4.18
CA GLY H 70 13.26 11.18 3.18
C GLY H 70 14.68 11.58 2.79
N TRP H 71 15.59 10.60 2.72
CA TRP H 71 16.94 10.86 2.28
C TRP H 71 17.19 10.18 0.95
N SER H 72 17.65 10.94 -0.03
CA SER H 72 18.02 10.38 -1.32
C SER H 72 19.54 10.38 -1.45
N SER H 73 20.09 9.44 -2.19
CA SER H 73 21.50 9.51 -2.59
C SER H 73 21.78 10.70 -3.52
N SER H 74 22.97 11.29 -3.38
CA SER H 74 23.31 12.52 -4.08
C SER H 74 24.80 12.76 -4.19
N LEU H 75 25.15 13.64 -5.13
CA LEU H 75 26.52 14.06 -5.33
C LEU H 75 26.40 15.55 -5.47
N ILE H 76 27.07 16.29 -4.61
CA ILE H 76 26.95 17.75 -4.61
C ILE H 76 28.31 18.43 -4.46
N GLY H 78 31.26 18.11 -4.99
CA GLY H 78 31.91 16.81 -5.16
C GLY H 78 31.78 15.86 -3.98
N GLN H 79 30.76 16.08 -3.16
CA GLN H 79 30.51 15.21 -2.01
C GLN H 79 29.31 14.30 -2.25
N GLY H 81 27.25 11.67 -0.50
CA GLY H 81 26.34 11.45 0.61
C GLY H 81 24.86 11.17 0.32
N VAL H 82 23.99 11.57 1.24
CA VAL H 82 22.56 11.47 1.01
C VAL H 82 22.02 12.81 1.43
N TYR H 83 20.80 13.12 1.02
CA TYR H 83 20.34 14.48 1.16
C TYR H 83 18.82 14.63 1.20
N ARG H 84 18.39 15.71 1.84
CA ARG H 84 16.99 16.00 2.07
C ARG H 84 16.77 17.51 1.96
N GLN H 85 15.80 17.91 1.12
CA GLN H 85 15.45 19.32 0.97
C GLN H 85 14.36 19.74 1.95
N GLY H 86 14.45 20.98 2.42
CA GLY H 86 13.55 21.47 3.45
C GLY H 86 14.22 22.62 4.15
N GLU H 87 13.42 23.49 4.76
CA GLU H 87 13.98 24.67 5.39
C GLU H 87 13.83 24.68 6.90
N GLU H 88 13.32 23.58 7.45
CA GLU H 88 13.19 23.46 8.89
C GLU H 88 14.57 23.50 9.56
N LYS H 89 14.57 23.40 10.89
CA LYS H 89 15.79 23.59 11.67
C LYS H 89 16.64 22.32 11.75
N GLN H 90 16.02 21.23 12.16
CA GLN H 90 16.71 19.94 12.29
C GLN H 90 16.42 19.03 11.10
N ALA H 91 17.31 18.05 10.87
CA ALA H 91 17.09 17.04 9.86
C ALA H 91 17.44 15.67 10.41
N ILE H 92 16.46 15.01 11.04
CA ILE H 92 16.66 13.70 11.64
C ILE H 92 17.00 12.63 10.61
N PHE H 93 17.83 11.68 11.01
CA PHE H 93 18.26 10.60 10.12
C PHE H 93 18.84 9.40 10.86
N ASP H 94 18.94 8.30 10.14
CA ASP H 94 19.49 7.08 10.73
C ASP H 94 20.65 6.53 9.90
N ILE H 95 21.36 5.57 10.49
CA ILE H 95 22.33 4.75 9.79
C ILE H 95 22.08 3.29 10.21
N MET H 96 21.93 2.43 9.21
CA MET H 96 21.47 1.07 9.43
C MET H 96 22.44 0.08 8.81
N SER H 97 22.03 -1.18 8.77
CA SER H 97 22.84 -2.20 8.12
C SER H 97 22.48 -2.31 6.65
N ASP H 98 23.51 -2.46 5.81
CA ASP H 98 23.32 -2.70 4.39
C ASP H 98 23.49 -4.19 4.09
N GLY H 99 22.44 -4.95 4.32
CA GLY H 99 22.50 -6.39 4.20
C GLY H 99 22.36 -7.04 5.56
N ASN H 100 21.83 -8.25 5.58
CA ASN H 100 21.86 -9.03 6.80
C ASN H 100 23.21 -9.73 6.83
N GLN H 101 23.89 -9.65 7.97
CA GLN H 101 25.22 -10.22 8.08
C GLN H 101 25.59 -10.58 9.52
N TYR H 102 26.67 -11.34 9.66
CA TYR H 102 27.23 -11.65 10.97
C TYR H 102 28.38 -10.69 11.26
N SER H 103 28.79 -10.65 12.52
CA SER H 103 29.79 -9.68 12.96
C SER H 103 30.37 -10.05 14.33
N ALA H 104 31.60 -10.56 14.33
CA ALA H 104 32.27 -10.90 15.58
C ALA H 104 33.24 -9.79 15.96
N GLY H 106 33.43 -6.68 18.87
CA GLY H 106 34.18 -5.81 18.00
C GLY H 106 33.77 -4.35 18.09
N GLU H 107 34.62 -3.47 17.56
CA GLU H 107 34.36 -2.03 17.57
C GLU H 107 34.57 -1.40 16.20
N TYR H 108 33.58 -0.65 15.75
CA TYR H 108 33.64 0.00 14.45
C TYR H 108 33.32 1.49 14.65
N ILE H 109 34.19 2.38 14.16
CA ILE H 109 33.97 3.81 14.41
C ILE H 109 33.66 4.57 13.13
N PHE H 110 32.59 5.39 13.18
CA PHE H 110 32.12 6.19 12.05
C PHE H 110 32.36 7.66 12.24
N SER H 111 33.07 8.27 11.29
CA SER H 111 33.09 9.70 11.18
C SER H 111 31.80 10.04 10.43
N VAL H 112 30.99 10.95 10.96
CA VAL H 112 29.80 11.42 10.24
C VAL H 112 29.91 12.91 9.99
N SER H 113 29.64 13.31 8.76
CA SER H 113 29.69 14.71 8.43
C SER H 113 28.36 15.20 7.90
N GLY H 114 28.24 16.52 7.73
CA GLY H 114 27.01 17.15 7.28
C GLY H 114 27.20 18.63 7.01
N GLU H 115 26.34 19.18 6.16
CA GLU H 115 26.36 20.61 5.86
C GLU H 115 24.96 21.21 5.72
N CYS H 116 24.91 22.52 5.62
CA CYS H 116 23.66 23.22 5.35
C CYS H 116 23.71 23.86 3.96
N LEU H 117 22.84 23.40 3.06
CA LEU H 117 22.86 23.85 1.68
C LEU H 117 21.94 25.06 1.44
N ILE H 118 22.50 26.09 0.78
CA ILE H 118 21.84 27.39 0.68
C ILE H 118 21.43 27.80 -0.75
N SER H 119 20.45 28.71 -0.83
CA SER H 119 20.17 29.54 -2.01
C SER H 119 20.07 28.82 -3.36
N ARG H 120 20.36 29.56 -4.44
CA ARG H 120 20.25 29.05 -5.80
C ARG H 120 21.59 28.51 -6.29
N LEU H 127 22.00 24.31 -3.64
CA LEU H 127 23.21 24.51 -4.46
C LEU H 127 24.24 25.39 -3.72
N PRO H 130 28.45 25.71 1.96
CA PRO H 130 29.16 26.63 2.85
C PRO H 130 30.39 25.97 3.44
N PRO H 131 31.33 26.78 3.97
CA PRO H 131 32.42 26.24 4.80
C PRO H 131 31.99 26.02 6.25
N ALA H 134 30.93 20.63 9.51
CA ALA H 134 30.55 19.88 10.70
C ALA H 134 30.92 18.41 10.63
N THR H 135 31.82 17.97 11.52
CA THR H 135 32.22 16.57 11.59
C THR H 135 32.09 16.03 13.01
N GLU H 136 31.38 14.92 13.17
CA GLU H 136 31.32 14.26 14.46
C GLU H 136 31.62 12.78 14.34
N THR H 137 32.00 12.17 15.45
CA THR H 137 32.40 10.78 15.46
C THR H 137 31.43 10.03 16.35
N ILE H 138 31.13 8.78 15.99
CA ILE H 138 30.38 7.91 16.87
C ILE H 138 31.01 6.51 16.84
N ARG H 139 30.83 5.75 17.91
CA ARG H 139 31.34 4.39 17.93
C ARG H 139 30.21 3.44 18.28
N LEU H 140 30.32 2.20 17.82
CA LEU H 140 29.32 1.19 18.15
C LEU H 140 29.92 -0.16 18.58
N THR H 141 29.09 -0.98 19.21
CA THR H 141 29.59 -2.13 19.94
C THR H 141 28.81 -3.43 19.68
N VAL H 142 29.54 -4.48 19.31
CA VAL H 142 29.00 -5.83 19.18
C VAL H 142 30.08 -6.89 19.36
#